data_9QZQ
#
_entry.id   9QZQ
#
_cell.length_a   1.00
_cell.length_b   1.00
_cell.length_c   1.00
_cell.angle_alpha   90.00
_cell.angle_beta   90.00
_cell.angle_gamma   90.00
#
_symmetry.space_group_name_H-M   'P 1'
#
loop_
_entity.id
_entity.type
_entity.pdbx_description
1 polymer 'Sodium/bile acid cotransporter'
2 polymer 'NabFab - Heavy Chain'
3 polymer 'NabFab - Light Chain'
4 polymer 'Grafted Nanobody NTCP_Nb1'
5 non-polymer 'SODIUM ION'
#
loop_
_entity_poly.entity_id
_entity_poly.type
_entity_poly.pdbx_seq_one_letter_code
_entity_poly.pdbx_strand_id
1 'polypeptide(L)'
;MEAHNASAPFNFTLPPNFGKRPTDLALSVILVFMLFFIMLSLGCTMEFSKIKAHLWKPKGLAIALVAQYGIMPLTAFVLG
KVFRLKNIEALAILVCGCSPGGNLSNVFSLAMKGDMNLSIVMTTCSTFCALGMMPLLLYIYSRGIYDGDLKDKVPYKGIV
ISLVLVLIPCTIGIVLKSKRPQYMRYVIKGGMIIILLCSVAVTVLSAINVGKSIMFAMTPLLIATSSLMPFIGFLLGYVL
SALFCLNGRCRRTVSMETGCQNVQLCSTILNVAFPPEVIGPLFFFPLLYMIFQLGEGLLLIAIFWCYEKFKTPKDKTKMI
YTAATTEETIPGALGNGTYKGEDCSPCTA
;
A
2 'polypeptide(L)'
;EISEVQLVESGGGLVQPGGSLRLSCAASGFNFSYYSIHWVRQAPGKGLEWVAYISSSSSYTSYADSVKGRFTISADTSKN
TAYLQMNSLRAEDTAVYYCARGYQYWQYHASWYWNGGLDYWGQGTLVTVSSASTKGPSVFPLAPSSKSTSGGTAALGCLV
KDYFPEPVTVSWNSGALTSGVHTFPAVLQSSGLYSLSSVVTVPSSSLGTQTYICNVNHKPSNTKVDKKVEPKSCDKTHT
;
H
3 'polypeptide(L)'
;SDIQMTQSPSSLSASVGDRVTITCRASQSVSSAVAWYQQKPGKAPKLLIYSASSLYSGVPSRFSGSRSGTDFTLTISSLQ
PEDFATYYCQQSSSSLITFGQGTKVEIKRTVAAPSVFIFPPSDSQLKSGTASVVCLLNNFYPREAKVQWKVDNALQSGNS
QESVTEQDSKDSTYSLSSTLTLSKADYEKHKVYACEVTHQGLSSPVTKSFNRGEC
;
L
4 'polypeptide(L)'
;QRQLVESGGGLVQPGGSLRLSCAASRFTFDDYTIGWFRQAPGKEREGVSYMSSRDGSTYYADSVKGRFIISRDNVKNTVY
LQMNSLEPEDTAVYYCAAAYRPWGLIGGNFDFSGAYWGKGTPVTVSSHHHHHHEPEA
;
N
#
# COMPACT_ATOMS: atom_id res chain seq x y z
N PHE A 12 35.38 -2.69 20.73
CA PHE A 12 34.63 -1.44 20.81
C PHE A 12 33.41 -1.49 19.90
N THR A 13 33.57 -2.12 18.74
CA THR A 13 32.49 -2.30 17.79
C THR A 13 32.00 -3.74 17.81
N LEU A 14 31.08 -4.06 16.91
CA LEU A 14 30.57 -5.42 16.79
C LEU A 14 31.06 -6.07 15.50
N PRO A 15 31.23 -7.38 15.48
CA PRO A 15 31.73 -8.03 14.27
C PRO A 15 30.78 -7.83 13.11
N PRO A 16 31.30 -7.76 11.89
CA PRO A 16 30.44 -7.57 10.73
C PRO A 16 29.42 -8.69 10.59
N ASN A 17 28.20 -8.32 10.18
CA ASN A 17 27.08 -9.25 10.06
C ASN A 17 26.87 -10.02 11.37
N PHE A 18 26.90 -9.28 12.47
CA PHE A 18 26.71 -9.88 13.79
C PHE A 18 25.31 -10.44 13.92
N GLY A 19 25.20 -11.63 14.50
CA GLY A 19 23.91 -12.25 14.70
C GLY A 19 23.34 -12.94 13.48
N LYS A 20 24.12 -13.07 12.41
CA LYS A 20 23.63 -13.72 11.20
C LYS A 20 24.57 -14.78 10.64
N ARG A 21 25.83 -14.82 11.06
CA ARG A 21 26.76 -15.83 10.55
C ARG A 21 26.36 -17.22 11.06
N PRO A 22 26.82 -18.29 10.39
CA PRO A 22 26.53 -19.64 10.88
C PRO A 22 27.03 -19.87 12.30
N THR A 23 28.19 -19.29 12.64
CA THR A 23 28.68 -19.37 14.01
C THR A 23 27.79 -18.61 14.98
N ASP A 24 27.04 -17.61 14.51
CA ASP A 24 26.05 -16.93 15.34
C ASP A 24 24.76 -17.71 15.47
N LEU A 25 24.32 -18.36 14.40
CA LEU A 25 23.10 -19.16 14.41
C LEU A 25 23.25 -20.45 15.20
N ALA A 26 24.43 -21.07 15.19
CA ALA A 26 24.69 -22.25 15.99
C ALA A 26 24.62 -21.98 17.49
N LEU A 27 25.17 -20.86 17.95
CA LEU A 27 25.14 -20.49 19.36
C LEU A 27 23.71 -20.28 19.86
N SER A 28 22.84 -19.69 19.04
CA SER A 28 21.44 -19.56 19.40
C SER A 28 20.71 -20.89 19.42
N VAL A 29 21.25 -21.92 18.79
CA VAL A 29 20.65 -23.24 18.82
C VAL A 29 21.13 -24.05 20.02
N ILE A 30 22.43 -23.96 20.35
CA ILE A 30 22.91 -24.66 21.55
C ILE A 30 22.27 -24.10 22.82
N LEU A 31 21.99 -22.80 22.88
CA LEU A 31 21.32 -22.25 24.06
C LEU A 31 19.92 -22.85 24.24
N VAL A 32 19.14 -22.95 23.16
CA VAL A 32 17.83 -23.57 23.22
C VAL A 32 17.90 -25.06 23.52
N PHE A 33 18.86 -25.77 22.94
CA PHE A 33 19.07 -27.18 23.24
C PHE A 33 19.52 -27.42 24.67
N MET A 34 20.25 -26.46 25.25
CA MET A 34 20.55 -26.40 26.67
C MET A 34 19.31 -26.27 27.54
N LEU A 35 18.54 -25.20 27.34
CA LEU A 35 17.43 -24.86 28.22
C LEU A 35 16.40 -25.97 28.30
N PHE A 36 16.28 -26.80 27.26
CA PHE A 36 15.37 -27.94 27.27
C PHE A 36 15.67 -28.93 28.39
N PHE A 37 16.94 -29.28 28.62
CA PHE A 37 17.30 -30.15 29.72
C PHE A 37 17.38 -29.44 31.05
N ILE A 38 17.76 -28.16 31.06
CA ILE A 38 17.75 -27.40 32.30
C ILE A 38 16.36 -27.34 32.89
N MET A 39 15.34 -27.14 32.06
CA MET A 39 13.96 -27.12 32.52
C MET A 39 13.31 -28.50 32.51
N LEU A 40 14.05 -29.53 32.10
CA LEU A 40 13.58 -30.91 32.20
C LEU A 40 14.06 -31.58 33.47
N SER A 41 15.21 -31.16 34.01
CA SER A 41 15.78 -31.75 35.21
C SER A 41 15.14 -31.23 36.49
N LEU A 42 14.17 -30.33 36.39
CA LEU A 42 13.49 -29.80 37.56
C LEU A 42 12.34 -30.68 38.04
N GLY A 43 11.93 -31.66 37.25
CA GLY A 43 10.83 -32.53 37.63
C GLY A 43 11.23 -33.99 37.76
N PRO A 58 -1.58 -22.84 50.83
CA PRO A 58 -0.71 -22.30 49.77
C PRO A 58 0.02 -21.03 50.19
N LYS A 59 -0.05 -20.71 51.49
CA LYS A 59 0.54 -19.47 51.99
C LYS A 59 2.05 -19.44 51.74
N GLY A 60 2.75 -20.52 52.09
CA GLY A 60 4.18 -20.57 51.85
C GLY A 60 4.53 -20.53 50.38
N LEU A 61 3.70 -21.14 49.55
CA LEU A 61 3.90 -21.17 48.10
C LEU A 61 3.46 -19.88 47.42
N ALA A 62 2.37 -19.26 47.88
CA ALA A 62 1.93 -17.99 47.30
C ALA A 62 2.76 -16.81 47.78
N ILE A 63 3.50 -16.97 48.87
CA ILE A 63 4.42 -15.92 49.33
C ILE A 63 5.68 -15.88 48.48
N ALA A 64 6.17 -17.03 48.03
CA ALA A 64 7.37 -17.05 47.18
C ALA A 64 7.11 -16.33 45.86
N LEU A 65 5.92 -16.51 45.27
CA LEU A 65 5.59 -15.77 44.07
C LEU A 65 5.55 -14.26 44.29
N VAL A 66 4.99 -13.81 45.41
CA VAL A 66 5.01 -12.39 45.73
C VAL A 66 6.42 -11.86 45.91
N ALA A 67 7.28 -12.60 46.62
CA ALA A 67 8.66 -12.19 46.82
C ALA A 67 9.52 -12.30 45.57
N GLN A 68 9.11 -13.12 44.60
CA GLN A 68 9.88 -13.29 43.37
C GLN A 68 9.48 -12.34 42.26
N TYR A 69 8.18 -12.06 42.10
CA TYR A 69 7.71 -11.16 41.06
C TYR A 69 7.37 -9.78 41.60
N GLY A 70 7.62 -9.52 42.88
CA GLY A 70 7.37 -8.23 43.46
C GLY A 70 8.64 -7.58 44.00
N ILE A 71 9.65 -8.40 44.23
CA ILE A 71 10.93 -7.89 44.76
C ILE A 71 12.07 -7.96 43.75
N MET A 72 12.18 -9.01 42.95
CA MET A 72 13.31 -9.14 42.03
C MET A 72 13.19 -8.19 40.83
N PRO A 73 12.04 -8.13 40.14
CA PRO A 73 11.91 -7.12 39.08
C PRO A 73 12.01 -5.69 39.59
N LEU A 74 11.51 -5.40 40.79
CA LEU A 74 11.63 -4.06 41.35
C LEU A 74 13.06 -3.74 41.72
N THR A 75 13.81 -4.70 42.25
CA THR A 75 15.23 -4.52 42.52
C THR A 75 16.02 -4.30 41.24
N ALA A 76 15.73 -5.05 40.18
CA ALA A 76 16.39 -4.85 38.89
C ALA A 76 16.11 -3.48 38.29
N PHE A 77 14.94 -2.91 38.55
CA PHE A 77 14.61 -1.57 38.07
C PHE A 77 15.20 -0.47 38.94
N VAL A 78 15.26 -0.67 40.26
CA VAL A 78 15.88 0.30 41.15
C VAL A 78 17.39 0.36 41.00
N LEU A 79 18.06 -0.79 40.85
CA LEU A 79 19.51 -0.81 40.73
C LEU A 79 20.02 -0.12 39.47
N GLY A 80 19.33 -0.28 38.35
CA GLY A 80 19.70 0.39 37.11
C GLY A 80 19.59 1.90 37.21
N LYS A 81 18.55 2.37 37.88
CA LYS A 81 18.39 3.80 38.11
C LYS A 81 19.43 4.34 39.09
N VAL A 82 19.75 3.58 40.14
CA VAL A 82 20.72 4.03 41.12
C VAL A 82 22.12 4.09 40.50
N PHE A 83 22.51 3.08 39.72
CA PHE A 83 23.83 3.03 39.12
C PHE A 83 23.92 3.84 37.82
N ARG A 84 22.84 4.49 37.41
CA ARG A 84 22.82 5.32 36.20
C ARG A 84 23.26 4.52 34.98
N LEU A 85 22.72 3.31 34.85
CA LEU A 85 23.01 2.46 33.71
C LEU A 85 22.37 3.02 32.45
N LYS A 86 22.91 2.61 31.31
CA LYS A 86 22.32 3.00 30.03
C LYS A 86 20.96 2.32 29.86
N ASN A 87 20.22 2.79 28.86
CA ASN A 87 18.85 2.30 28.67
C ASN A 87 18.84 0.82 28.31
N ILE A 88 19.69 0.41 27.36
CA ILE A 88 19.72 -0.98 26.95
C ILE A 88 20.27 -1.89 28.05
N GLU A 89 21.28 -1.44 28.79
CA GLU A 89 21.80 -2.21 29.91
C GLU A 89 20.77 -2.36 31.02
N ALA A 90 20.03 -1.30 31.34
CA ALA A 90 18.94 -1.39 32.31
C ALA A 90 17.81 -2.29 31.85
N LEU A 91 17.47 -2.25 30.55
CA LEU A 91 16.46 -3.17 30.03
C LEU A 91 16.91 -4.62 30.15
N ALA A 92 18.17 -4.91 29.83
CA ALA A 92 18.69 -6.25 30.04
C ALA A 92 18.69 -6.65 31.50
N ILE A 93 19.06 -5.71 32.39
CA ILE A 93 19.03 -5.96 33.82
C ILE A 93 17.64 -6.33 34.29
N LEU A 94 16.62 -5.58 33.88
CA LEU A 94 15.23 -5.86 34.24
C LEU A 94 14.72 -7.15 33.61
N VAL A 95 15.12 -7.47 32.39
CA VAL A 95 14.77 -8.75 31.78
C VAL A 95 15.33 -9.89 32.62
N CYS A 96 16.57 -9.78 33.07
CA CYS A 96 17.15 -10.79 33.96
C CYS A 96 16.43 -10.87 35.30
N GLY A 97 15.94 -9.75 35.82
CA GLY A 97 15.19 -9.73 37.05
C GLY A 97 13.72 -10.07 36.91
N CYS A 98 13.24 -10.36 35.68
CA CYS A 98 11.86 -10.75 35.45
C CYS A 98 11.68 -12.23 35.19
N SER A 99 12.77 -12.96 34.89
CA SER A 99 12.67 -14.38 34.63
C SER A 99 12.36 -15.14 35.91
N PRO A 100 11.73 -16.32 35.80
CA PRO A 100 11.37 -17.08 37.00
C PRO A 100 12.60 -17.67 37.69
N GLY A 101 12.34 -18.33 38.81
CA GLY A 101 13.42 -18.93 39.57
C GLY A 101 14.04 -20.10 38.86
N GLY A 102 15.32 -20.35 39.17
CA GLY A 102 16.08 -21.41 38.55
C GLY A 102 16.09 -22.68 39.38
N ASN A 103 16.84 -23.66 38.87
CA ASN A 103 16.96 -24.96 39.51
C ASN A 103 18.06 -25.01 40.56
N LEU A 104 18.86 -23.94 40.68
CA LEU A 104 19.89 -23.89 41.70
C LEU A 104 19.31 -23.81 43.10
N SER A 105 18.15 -23.19 43.27
CA SER A 105 17.51 -23.13 44.57
C SER A 105 17.12 -24.51 45.08
N ASN A 106 16.86 -25.44 44.16
CA ASN A 106 16.50 -26.80 44.57
C ASN A 106 17.63 -27.45 45.36
N VAL A 107 18.87 -27.27 44.90
CA VAL A 107 20.03 -27.77 45.64
C VAL A 107 20.39 -26.88 46.82
N PHE A 108 20.24 -25.56 46.69
CA PHE A 108 20.58 -24.65 47.78
C PHE A 108 19.70 -24.83 49.01
N SER A 109 18.39 -25.01 48.84
CA SER A 109 17.51 -25.28 49.95
C SER A 109 17.82 -26.60 50.66
N LEU A 110 18.15 -27.64 49.90
CA LEU A 110 18.63 -28.89 50.49
C LEU A 110 19.95 -28.70 51.23
N ALA A 111 20.83 -27.84 50.75
CA ALA A 111 22.10 -27.58 51.41
C ALA A 111 21.99 -26.67 52.61
N MET A 112 20.88 -25.93 52.77
CA MET A 112 20.69 -25.07 53.93
C MET A 112 19.55 -25.55 54.83
N LYS A 113 19.32 -26.86 54.88
CA LYS A 113 18.29 -27.43 55.74
C LYS A 113 16.93 -26.79 55.49
N GLY A 114 16.62 -26.59 54.21
CA GLY A 114 15.35 -26.01 53.84
C GLY A 114 14.32 -27.07 53.54
N ASP A 115 13.83 -27.09 52.30
CA ASP A 115 12.88 -28.13 51.87
C ASP A 115 13.03 -28.28 50.35
N MET A 116 13.72 -29.34 49.95
CA MET A 116 13.91 -29.59 48.52
C MET A 116 12.59 -29.88 47.82
N ASN A 117 11.75 -30.70 48.45
CA ASN A 117 10.48 -31.09 47.84
C ASN A 117 9.57 -29.88 47.61
N LEU A 118 9.52 -28.99 48.60
CA LEU A 118 8.70 -27.78 48.49
C LEU A 118 9.34 -26.71 47.62
N SER A 119 10.66 -26.61 47.60
CA SER A 119 11.35 -25.71 46.70
C SER A 119 11.21 -26.11 45.24
N ILE A 120 11.06 -27.40 44.96
CA ILE A 120 10.81 -27.83 43.59
C ILE A 120 9.44 -27.36 43.09
N VAL A 121 8.38 -27.54 43.88
CA VAL A 121 7.07 -27.05 43.49
C VAL A 121 7.02 -25.52 43.46
N MET A 122 7.73 -24.84 44.36
CA MET A 122 7.90 -23.40 44.23
C MET A 122 8.45 -22.99 42.87
N THR A 123 9.56 -23.58 42.45
CA THR A 123 10.16 -23.26 41.16
C THR A 123 9.26 -23.62 39.99
N THR A 124 8.59 -24.77 40.03
CA THR A 124 7.68 -25.15 38.95
C THR A 124 6.51 -24.18 38.85
N CYS A 125 5.90 -23.81 39.98
CA CYS A 125 4.81 -22.85 39.98
C CYS A 125 5.24 -21.47 39.51
N SER A 126 6.42 -20.99 39.94
CA SER A 126 6.96 -19.74 39.44
C SER A 126 7.21 -19.78 37.94
N THR A 127 7.77 -20.88 37.43
CA THR A 127 7.95 -21.04 36.00
C THR A 127 6.63 -20.98 35.25
N PHE A 128 5.60 -21.67 35.75
CA PHE A 128 4.32 -21.65 35.06
C PHE A 128 3.66 -20.28 35.12
N CYS A 129 3.80 -19.56 36.24
CA CYS A 129 3.29 -18.20 36.32
C CYS A 129 4.11 -17.21 35.51
N ALA A 130 5.34 -17.57 35.14
CA ALA A 130 6.16 -16.68 34.33
C ALA A 130 5.51 -16.36 32.99
N LEU A 131 4.91 -17.34 32.34
CA LEU A 131 4.32 -17.13 31.02
C LEU A 131 3.37 -15.94 31.02
N GLY A 132 2.60 -15.77 32.09
CA GLY A 132 1.68 -14.68 32.20
C GLY A 132 2.15 -13.48 32.99
N MET A 133 3.24 -13.60 33.75
CA MET A 133 3.71 -12.49 34.59
C MET A 133 4.91 -11.76 34.02
N MET A 134 5.83 -12.46 33.36
CA MET A 134 7.02 -11.81 32.82
C MET A 134 6.70 -10.77 31.76
N PRO A 135 5.87 -11.04 30.74
CA PRO A 135 5.50 -9.95 29.82
C PRO A 135 4.75 -8.83 30.50
N LEU A 136 3.88 -9.14 31.46
CA LEU A 136 3.15 -8.11 32.19
C LEU A 136 4.07 -7.21 33.01
N LEU A 137 5.07 -7.78 33.68
CA LEU A 137 6.04 -6.99 34.42
C LEU A 137 6.97 -6.21 33.51
N LEU A 138 7.38 -6.79 32.38
CA LEU A 138 8.21 -6.08 31.42
C LEU A 138 7.47 -4.88 30.85
N TYR A 139 6.19 -5.04 30.53
CA TYR A 139 5.41 -3.92 30.01
C TYR A 139 5.28 -2.81 31.05
N ILE A 140 5.07 -3.17 32.31
CA ILE A 140 4.95 -2.17 33.36
C ILE A 140 6.27 -1.43 33.61
N TYR A 141 7.38 -2.14 33.72
CA TYR A 141 8.65 -1.54 34.09
C TYR A 141 9.42 -0.95 32.91
N SER A 142 9.01 -1.24 31.67
CA SER A 142 9.66 -0.65 30.51
C SER A 142 9.37 0.83 30.39
N ARG A 143 8.22 1.30 30.89
CA ARG A 143 7.90 2.71 30.86
C ARG A 143 8.80 3.53 31.77
N GLY A 144 9.47 2.90 32.73
CA GLY A 144 10.44 3.58 33.57
C GLY A 144 11.83 3.69 32.98
N ILE A 145 12.05 3.11 31.81
CA ILE A 145 13.33 3.17 31.12
C ILE A 145 13.25 4.03 29.86
N TYR A 146 12.26 3.79 29.02
CA TYR A 146 12.05 4.53 27.79
C TYR A 146 10.79 5.38 27.91
N ASP A 147 10.91 6.67 27.56
CA ASP A 147 9.79 7.58 27.74
C ASP A 147 8.97 7.67 26.46
N GLY A 148 9.59 8.12 25.37
CA GLY A 148 8.86 8.27 24.12
C GLY A 148 9.26 7.26 23.07
N ASP A 149 10.49 6.79 23.11
CA ASP A 149 10.97 5.76 22.19
C ASP A 149 10.84 4.38 22.83
N LEU A 150 9.61 4.05 23.20
CA LEU A 150 9.31 2.77 23.84
C LEU A 150 8.76 1.74 22.87
N LYS A 151 8.23 2.18 21.72
CA LYS A 151 7.64 1.26 20.76
C LYS A 151 8.71 0.32 20.19
N ASP A 152 8.36 -0.96 20.09
CA ASP A 152 9.18 -2.02 19.51
C ASP A 152 10.47 -2.26 20.29
N LYS A 153 10.60 -1.69 21.49
CA LYS A 153 11.80 -1.94 22.30
C LYS A 153 11.84 -3.37 22.79
N VAL A 154 10.71 -3.89 23.24
CA VAL A 154 10.61 -5.22 23.85
C VAL A 154 9.86 -6.15 22.90
N PRO A 155 10.46 -7.26 22.48
CA PRO A 155 9.74 -8.19 21.61
C PRO A 155 8.79 -9.11 22.37
N TYR A 156 7.57 -8.62 22.62
CA TYR A 156 6.62 -9.39 23.43
C TYR A 156 6.25 -10.71 22.77
N LYS A 157 6.06 -10.71 21.45
CA LYS A 157 5.72 -11.95 20.75
C LYS A 157 6.83 -12.98 20.85
N GLY A 158 8.08 -12.56 20.62
CA GLY A 158 9.21 -13.46 20.78
C GLY A 158 9.41 -13.94 22.20
N ILE A 159 9.12 -13.09 23.19
CA ILE A 159 9.25 -13.52 24.58
C ILE A 159 8.19 -14.54 24.95
N VAL A 160 6.94 -14.29 24.56
CA VAL A 160 5.87 -15.23 24.91
C VAL A 160 5.99 -16.54 24.13
N ILE A 161 6.48 -16.50 22.90
CA ILE A 161 6.69 -17.75 22.18
C ILE A 161 7.71 -18.62 22.91
N SER A 162 8.84 -18.05 23.33
CA SER A 162 9.83 -18.79 24.10
C SER A 162 9.28 -19.26 25.44
N LEU A 163 8.54 -18.41 26.15
CA LEU A 163 7.97 -18.77 27.44
C LEU A 163 6.95 -19.89 27.36
N VAL A 164 6.15 -19.94 26.29
CA VAL A 164 5.20 -21.03 26.11
C VAL A 164 5.83 -22.27 25.49
N LEU A 165 6.95 -22.13 24.79
CA LEU A 165 7.68 -23.29 24.29
C LEU A 165 8.49 -23.99 25.37
N VAL A 166 9.00 -23.24 26.35
CA VAL A 166 9.82 -23.84 27.40
C VAL A 166 8.96 -24.52 28.47
N LEU A 167 7.64 -24.31 28.43
CA LEU A 167 6.72 -25.00 29.32
C LEU A 167 6.50 -26.45 28.91
N ILE A 168 6.93 -26.83 27.71
CA ILE A 168 6.77 -28.21 27.23
C ILE A 168 7.82 -29.12 27.89
N PRO A 169 9.13 -28.78 27.88
CA PRO A 169 10.09 -29.63 28.61
C PRO A 169 9.78 -29.70 30.10
N CYS A 170 9.32 -28.58 30.67
CA CYS A 170 8.99 -28.57 32.09
C CYS A 170 7.83 -29.50 32.43
N THR A 171 6.83 -29.61 31.56
CA THR A 171 5.72 -30.52 31.77
C THR A 171 6.09 -31.97 31.49
N ILE A 172 6.85 -32.23 30.42
CA ILE A 172 7.26 -33.60 30.15
C ILE A 172 8.20 -34.12 31.22
N GLY A 173 8.97 -33.25 31.86
CA GLY A 173 9.77 -33.66 33.00
C GLY A 173 8.94 -34.16 34.15
N ILE A 174 7.81 -33.49 34.42
CA ILE A 174 6.92 -33.95 35.48
C ILE A 174 6.25 -35.26 35.10
N VAL A 175 5.74 -35.39 33.88
CA VAL A 175 4.99 -36.59 33.50
C VAL A 175 5.92 -37.78 33.28
N LEU A 176 7.19 -37.54 32.97
CA LEU A 176 8.17 -38.61 32.81
C LEU A 176 8.51 -39.30 34.13
N LYS A 177 8.78 -38.53 35.18
CA LYS A 177 9.09 -39.13 36.47
C LYS A 177 7.91 -39.91 37.04
N SER A 178 6.69 -39.42 36.86
CA SER A 178 5.52 -40.12 37.36
C SER A 178 5.27 -41.41 36.58
N LYS A 179 5.33 -41.34 35.25
CA LYS A 179 5.00 -42.51 34.43
C LYS A 179 6.09 -43.56 34.51
N ARG A 180 7.36 -43.15 34.38
CA ARG A 180 8.50 -44.07 34.34
C ARG A 180 9.56 -43.60 35.33
N PRO A 181 9.33 -43.82 36.63
CA PRO A 181 10.32 -43.35 37.62
C PRO A 181 11.68 -44.01 37.50
N GLN A 182 11.74 -45.25 37.03
CA GLN A 182 13.00 -45.99 37.03
C GLN A 182 14.02 -45.34 36.09
N TYR A 183 13.62 -44.96 34.89
CA TYR A 183 14.54 -44.36 33.94
C TYR A 183 14.99 -42.96 34.37
N MET A 184 14.18 -42.27 35.17
CA MET A 184 14.48 -40.88 35.53
C MET A 184 15.82 -40.72 36.22
N ARG A 185 16.25 -41.71 37.00
CA ARG A 185 17.55 -41.61 37.65
C ARG A 185 18.68 -41.53 36.64
N TYR A 186 18.56 -42.27 35.53
CA TYR A 186 19.55 -42.16 34.47
C TYR A 186 19.37 -40.91 33.62
N VAL A 187 18.12 -40.49 33.38
CA VAL A 187 17.89 -39.31 32.56
C VAL A 187 18.42 -38.05 33.25
N ILE A 188 18.27 -37.97 34.58
CA ILE A 188 18.74 -36.78 35.28
C ILE A 188 20.26 -36.68 35.24
N LYS A 189 20.96 -37.82 35.39
CA LYS A 189 22.41 -37.81 35.26
C LYS A 189 22.84 -37.47 33.84
N GLY A 190 22.13 -38.00 32.84
CA GLY A 190 22.44 -37.66 31.46
C GLY A 190 22.29 -36.17 31.18
N GLY A 191 21.20 -35.58 31.67
CA GLY A 191 21.02 -34.15 31.51
C GLY A 191 22.06 -33.33 32.25
N MET A 192 22.40 -33.74 33.48
CA MET A 192 23.40 -33.05 34.27
C MET A 192 24.78 -33.10 33.63
N ILE A 193 25.11 -34.19 32.93
CA ILE A 193 26.39 -34.27 32.24
C ILE A 193 26.34 -33.59 30.86
N ILE A 194 25.18 -33.52 30.21
CA ILE A 194 25.06 -32.78 28.96
C ILE A 194 25.15 -31.28 29.16
N ILE A 195 24.48 -30.73 30.18
CA ILE A 195 24.53 -29.29 30.44
C ILE A 195 25.94 -28.82 30.84
N LEU A 196 26.68 -29.62 31.59
CA LEU A 196 28.01 -29.18 32.05
C LEU A 196 28.97 -28.94 30.89
N LEU A 197 29.01 -29.83 29.89
CA LEU A 197 29.87 -29.62 28.73
C LEU A 197 29.32 -28.56 27.79
N CYS A 198 28.00 -28.51 27.62
CA CYS A 198 27.42 -27.48 26.77
C CYS A 198 27.63 -26.09 27.33
N SER A 199 27.72 -25.96 28.66
CA SER A 199 27.98 -24.65 29.25
C SER A 199 29.34 -24.11 28.81
N VAL A 200 30.37 -24.96 28.83
CA VAL A 200 31.66 -24.55 28.30
C VAL A 200 31.58 -24.30 26.80
N ALA A 201 30.89 -25.17 26.06
CA ALA A 201 30.74 -25.00 24.62
C ALA A 201 30.01 -23.72 24.24
N VAL A 202 29.18 -23.18 25.12
CA VAL A 202 28.51 -21.91 24.89
C VAL A 202 29.35 -20.72 25.37
N THR A 203 29.94 -20.80 26.56
CA THR A 203 30.82 -19.75 27.05
C THR A 203 32.00 -19.50 26.12
N VAL A 204 32.48 -20.54 25.44
CA VAL A 204 33.60 -20.38 24.51
C VAL A 204 33.09 -19.86 23.17
N LEU A 205 32.00 -20.46 22.67
CA LEU A 205 31.48 -20.10 21.36
C LEU A 205 30.97 -18.67 21.31
N SER A 206 30.19 -18.24 22.29
CA SER A 206 29.69 -16.88 22.31
C SER A 206 30.82 -15.87 22.45
N ALA A 207 31.81 -16.17 23.28
CA ALA A 207 32.96 -15.28 23.43
C ALA A 207 33.72 -15.13 22.12
N ILE A 208 33.98 -16.26 21.43
CA ILE A 208 34.63 -16.19 20.12
C ILE A 208 33.78 -15.40 19.13
N ASN A 209 32.46 -15.59 19.19
CA ASN A 209 31.53 -14.90 18.31
C ASN A 209 31.60 -13.38 18.50
N VAL A 210 31.58 -12.92 19.75
CA VAL A 210 31.47 -11.48 19.97
C VAL A 210 32.84 -10.82 19.97
N GLY A 211 33.91 -11.59 20.12
CA GLY A 211 35.24 -11.00 20.02
C GLY A 211 35.60 -10.23 21.27
N LYS A 212 35.92 -8.95 21.10
CA LYS A 212 36.38 -8.09 22.17
C LYS A 212 35.26 -7.19 22.71
N SER A 213 34.02 -7.43 22.28
CA SER A 213 32.89 -6.66 22.76
C SER A 213 32.38 -7.15 24.10
N ILE A 214 33.02 -8.17 24.68
CA ILE A 214 32.62 -8.67 25.99
C ILE A 214 32.83 -7.61 27.07
N MET A 215 33.87 -6.79 26.94
CA MET A 215 34.18 -5.78 27.95
C MET A 215 33.08 -4.74 28.10
N PHE A 216 32.04 -4.84 27.27
CA PHE A 216 30.85 -4.01 27.43
C PHE A 216 29.80 -4.66 28.33
N ALA A 217 29.76 -5.99 28.39
CA ALA A 217 28.85 -6.71 29.26
C ALA A 217 29.41 -6.94 30.66
N MET A 218 30.71 -6.70 30.86
CA MET A 218 31.30 -6.81 32.18
C MET A 218 32.02 -5.53 32.57
N THR A 219 31.35 -4.40 32.40
CA THR A 219 31.79 -3.12 32.93
C THR A 219 31.70 -3.15 34.45
N PRO A 220 32.38 -2.24 35.14
CA PRO A 220 32.27 -2.21 36.61
C PRO A 220 30.83 -2.07 37.10
N LEU A 221 30.02 -1.24 36.42
CA LEU A 221 28.63 -1.08 36.81
C LEU A 221 27.84 -2.37 36.60
N LEU A 222 28.05 -3.04 35.47
CA LEU A 222 27.36 -4.30 35.22
C LEU A 222 27.77 -5.37 36.22
N ILE A 223 29.06 -5.44 36.56
CA ILE A 223 29.52 -6.38 37.57
C ILE A 223 28.92 -6.07 38.94
N ALA A 224 28.87 -4.81 39.34
CA ALA A 224 28.24 -4.43 40.59
C ALA A 224 26.76 -4.76 40.63
N THR A 225 26.04 -4.52 39.53
CA THR A 225 24.63 -4.90 39.46
C THR A 225 24.44 -6.41 39.46
N SER A 226 25.37 -7.16 38.88
CA SER A 226 25.34 -8.61 38.88
C SER A 226 25.64 -9.22 40.25
N SER A 227 26.28 -8.48 41.15
CA SER A 227 26.61 -8.96 42.48
C SER A 227 25.66 -8.46 43.55
N LEU A 228 25.19 -7.23 43.46
CA LEU A 228 24.29 -6.68 44.45
C LEU A 228 22.85 -7.16 44.28
N MET A 229 22.51 -7.71 43.13
CA MET A 229 21.14 -8.15 42.85
C MET A 229 20.83 -9.48 43.54
N PRO A 230 21.64 -10.54 43.35
CA PRO A 230 21.33 -11.79 44.07
C PRO A 230 21.35 -11.64 45.58
N PHE A 231 22.28 -10.83 46.11
CA PHE A 231 22.34 -10.62 47.55
C PHE A 231 21.09 -9.90 48.05
N ILE A 232 20.66 -8.88 47.31
CA ILE A 232 19.44 -8.15 47.70
C ILE A 232 18.24 -9.09 47.67
N GLY A 233 18.15 -9.92 46.64
CA GLY A 233 17.06 -10.89 46.60
C GLY A 233 17.10 -11.86 47.75
N PHE A 234 18.29 -12.39 48.07
CA PHE A 234 18.43 -13.34 49.16
C PHE A 234 18.00 -12.72 50.49
N LEU A 235 18.42 -11.48 50.74
CA LEU A 235 18.07 -10.81 51.98
C LEU A 235 16.59 -10.45 52.04
N LEU A 236 16.05 -9.92 50.95
CA LEU A 236 14.67 -9.43 50.97
C LEU A 236 13.66 -10.57 51.03
N GLY A 237 13.93 -11.69 50.36
CA GLY A 237 13.06 -12.84 50.52
C GLY A 237 12.99 -13.36 51.94
N TYR A 238 14.13 -13.48 52.61
CA TYR A 238 14.19 -13.85 54.02
C TYR A 238 13.46 -12.84 54.90
N VAL A 239 13.67 -11.55 54.67
CA VAL A 239 13.00 -10.52 55.47
C VAL A 239 11.49 -10.59 55.29
N LEU A 240 11.00 -10.72 54.06
CA LEU A 240 9.57 -10.81 53.82
C LEU A 240 8.97 -12.07 54.41
N SER A 241 9.65 -13.21 54.26
CA SER A 241 9.16 -14.45 54.86
C SER A 241 9.11 -14.38 56.38
N ALA A 242 10.10 -13.74 57.01
CA ALA A 242 10.03 -13.50 58.44
C ALA A 242 8.91 -12.53 58.81
N LEU A 243 8.66 -11.52 57.97
CA LEU A 243 7.55 -10.61 58.17
C LEU A 243 6.20 -11.30 58.12
N PHE A 244 6.07 -12.36 57.32
CA PHE A 244 4.83 -13.10 57.20
C PHE A 244 4.72 -14.25 58.20
N CYS A 245 5.64 -14.32 59.16
CA CYS A 245 5.61 -15.31 60.24
C CYS A 245 5.62 -16.73 59.70
N LEU A 246 6.73 -17.06 59.04
CA LEU A 246 6.94 -18.39 58.49
C LEU A 246 7.87 -19.20 59.39
N ASN A 247 7.96 -20.50 59.11
CA ASN A 247 8.83 -21.39 59.85
C ASN A 247 10.28 -21.18 59.39
N GLY A 248 11.23 -21.73 60.16
CA GLY A 248 12.63 -21.58 59.82
C GLY A 248 13.07 -22.31 58.57
N ARG A 249 12.35 -23.37 58.19
CA ARG A 249 12.64 -24.10 56.96
C ARG A 249 12.00 -23.42 55.75
N CYS A 250 10.72 -23.07 55.87
CA CYS A 250 10.03 -22.39 54.78
C CYS A 250 10.66 -21.04 54.49
N ARG A 251 11.05 -20.31 55.53
CA ARG A 251 11.71 -19.02 55.35
C ARG A 251 13.03 -19.17 54.60
N ARG A 252 13.84 -20.16 55.00
CA ARG A 252 15.15 -20.35 54.42
C ARG A 252 15.08 -20.90 53.00
N THR A 253 14.02 -21.62 52.65
CA THR A 253 13.86 -22.02 51.26
C THR A 253 13.21 -20.95 50.40
N VAL A 254 12.31 -20.14 50.95
CA VAL A 254 11.72 -19.03 50.22
C VAL A 254 12.75 -17.95 49.89
N SER A 255 13.66 -17.65 50.80
CA SER A 255 14.70 -16.67 50.51
C SER A 255 15.57 -17.07 49.32
N MET A 256 16.03 -18.32 49.27
CA MET A 256 16.90 -18.71 48.18
C MET A 256 16.12 -19.13 46.93
N GLU A 257 14.82 -19.35 47.03
CA GLU A 257 13.99 -19.43 45.84
C GLU A 257 13.78 -18.08 45.19
N THR A 258 13.73 -17.00 45.99
CA THR A 258 13.70 -15.64 45.48
C THR A 258 15.04 -15.20 44.91
N GLY A 259 16.14 -15.49 45.58
CA GLY A 259 17.44 -15.01 45.14
C GLY A 259 17.98 -15.63 43.87
N CYS A 260 17.61 -16.88 43.59
CA CYS A 260 18.12 -17.60 42.42
C CYS A 260 17.11 -17.50 41.29
N GLN A 261 17.60 -17.23 40.08
CA GLN A 261 16.76 -17.03 38.91
C GLN A 261 17.21 -17.93 37.76
N ASN A 262 16.44 -17.90 36.68
CA ASN A 262 16.70 -18.72 35.49
C ASN A 262 17.63 -17.95 34.56
N VAL A 263 18.93 -18.03 34.84
CA VAL A 263 19.93 -17.37 34.00
C VAL A 263 19.96 -17.93 32.59
N GLN A 264 19.83 -19.25 32.42
CA GLN A 264 19.80 -19.85 31.10
C GLN A 264 18.60 -19.41 30.29
N LEU A 265 17.41 -19.37 30.89
CA LEU A 265 16.22 -18.90 30.19
C LEU A 265 16.28 -17.41 29.88
N CYS A 266 16.84 -16.60 30.77
CA CYS A 266 17.05 -15.20 30.46
C CYS A 266 18.04 -14.99 29.32
N SER A 267 19.15 -15.72 29.32
CA SER A 267 20.12 -15.64 28.23
C SER A 267 19.54 -16.11 26.90
N THR A 268 18.79 -17.21 26.89
CA THR A 268 18.12 -17.67 25.69
C THR A 268 17.12 -16.66 25.15
N ILE A 269 16.34 -16.01 26.03
CA ILE A 269 15.44 -14.95 25.60
C ILE A 269 16.21 -13.76 25.01
N LEU A 270 17.23 -13.25 25.71
CA LEU A 270 17.98 -12.11 25.22
C LEU A 270 18.72 -12.40 23.92
N ASN A 271 19.16 -13.64 23.71
CA ASN A 271 19.91 -14.00 22.52
C ASN A 271 19.02 -14.31 21.33
N VAL A 272 17.76 -14.67 21.53
CA VAL A 272 16.86 -15.10 20.48
C VAL A 272 15.79 -14.05 20.17
N ALA A 273 14.97 -13.70 21.17
CA ALA A 273 13.84 -12.83 20.92
C ALA A 273 14.29 -11.43 20.50
N PHE A 274 15.31 -10.90 21.18
CA PHE A 274 15.80 -9.57 20.87
C PHE A 274 16.64 -9.58 19.60
N PRO A 275 16.63 -8.48 18.84
CA PRO A 275 17.51 -8.37 17.67
C PRO A 275 18.96 -8.27 18.10
N PRO A 276 19.87 -8.89 17.35
CA PRO A 276 21.30 -8.84 17.72
C PRO A 276 21.87 -7.43 17.71
N GLU A 277 21.36 -6.54 16.87
CA GLU A 277 21.92 -5.20 16.75
C GLU A 277 21.57 -4.32 17.95
N VAL A 278 20.45 -4.60 18.62
CA VAL A 278 20.07 -3.80 19.77
C VAL A 278 20.69 -4.30 21.06
N ILE A 279 20.68 -5.61 21.30
CA ILE A 279 21.25 -6.16 22.53
C ILE A 279 22.76 -6.32 22.43
N GLY A 280 23.26 -6.86 21.31
CA GLY A 280 24.68 -7.05 21.14
C GLY A 280 25.25 -8.06 22.11
N PRO A 281 26.27 -7.66 22.87
CA PRO A 281 26.90 -8.61 23.80
C PRO A 281 26.22 -8.64 25.16
N LEU A 282 25.03 -8.07 25.26
CA LEU A 282 24.33 -7.95 26.54
C LEU A 282 23.65 -9.24 26.97
N PHE A 283 23.65 -10.28 26.12
CA PHE A 283 23.12 -11.57 26.50
C PHE A 283 24.12 -12.40 27.29
N PHE A 284 25.34 -11.89 27.50
CA PHE A 284 26.35 -12.55 28.30
C PHE A 284 26.25 -12.19 29.77
N PHE A 285 25.42 -11.22 30.14
CA PHE A 285 25.22 -10.84 31.53
C PHE A 285 24.57 -11.95 32.36
N PRO A 286 23.67 -12.77 31.81
CA PRO A 286 23.14 -13.88 32.62
C PRO A 286 24.19 -14.83 33.15
N LEU A 287 25.29 -15.08 32.43
CA LEU A 287 26.32 -15.96 32.97
C LEU A 287 27.07 -15.29 34.12
N LEU A 288 27.36 -13.99 33.98
CA LEU A 288 28.00 -13.26 35.06
C LEU A 288 27.08 -13.18 36.28
N TYR A 289 25.77 -13.20 36.07
CA TYR A 289 24.82 -13.28 37.16
C TYR A 289 24.76 -14.68 37.77
N MET A 290 24.88 -15.72 36.95
CA MET A 290 24.87 -17.09 37.45
C MET A 290 26.07 -17.36 38.33
N ILE A 291 27.26 -16.94 37.90
CA ILE A 291 28.45 -17.18 38.73
C ILE A 291 28.35 -16.43 40.06
N PHE A 292 27.85 -15.18 40.05
CA PHE A 292 27.70 -14.44 41.29
C PHE A 292 26.65 -15.03 42.21
N GLN A 293 25.50 -15.43 41.67
CA GLN A 293 24.47 -16.05 42.50
C GLN A 293 24.95 -17.38 43.08
N LEU A 294 25.67 -18.19 42.31
CA LEU A 294 26.24 -19.42 42.85
C LEU A 294 27.29 -19.17 43.93
N GLY A 295 28.20 -18.20 43.71
CA GLY A 295 29.19 -17.88 44.71
C GLY A 295 28.57 -17.38 46.00
N GLU A 296 27.59 -16.48 45.89
CA GLU A 296 26.92 -15.97 47.09
C GLU A 296 26.07 -17.03 47.77
N GLY A 297 25.43 -17.93 47.02
CA GLY A 297 24.72 -19.03 47.64
C GLY A 297 25.66 -19.95 48.40
N LEU A 298 26.83 -20.25 47.81
CA LEU A 298 27.81 -21.08 48.51
C LEU A 298 28.31 -20.39 49.77
N LEU A 299 28.58 -19.08 49.69
CA LEU A 299 29.03 -18.35 50.87
C LEU A 299 27.95 -18.35 51.95
N LEU A 300 26.68 -18.16 51.56
CA LEU A 300 25.60 -18.17 52.53
C LEU A 300 25.44 -19.55 53.17
N ILE A 301 25.58 -20.61 52.38
CA ILE A 301 25.49 -21.97 52.91
C ILE A 301 26.60 -22.21 53.92
N ALA A 302 27.83 -21.81 53.56
CA ALA A 302 28.96 -21.97 54.47
C ALA A 302 28.74 -21.17 55.76
N ILE A 303 28.24 -19.94 55.64
CA ILE A 303 28.00 -19.11 56.81
C ILE A 303 26.95 -19.75 57.71
N PHE A 304 25.86 -20.23 57.11
CA PHE A 304 24.79 -20.85 57.91
C PHE A 304 25.29 -22.11 58.61
N TRP A 305 26.04 -22.95 57.90
CA TRP A 305 26.48 -24.21 58.49
C TRP A 305 27.51 -23.97 59.58
N CYS A 306 28.41 -23.01 59.38
CA CYS A 306 29.34 -22.64 60.44
C CYS A 306 28.60 -22.06 61.64
N TYR A 307 27.59 -21.22 61.41
CA TYR A 307 26.82 -20.67 62.51
C TYR A 307 26.13 -21.77 63.30
N GLU A 308 25.54 -22.74 62.60
CA GLU A 308 24.88 -23.86 63.27
C GLU A 308 25.88 -24.72 64.05
N LYS A 309 27.06 -24.99 63.46
CA LYS A 309 28.03 -25.84 64.13
C LYS A 309 28.62 -25.17 65.36
N PHE A 310 28.93 -23.88 65.29
CA PHE A 310 29.54 -23.17 66.40
C PHE A 310 28.52 -22.50 67.32
N LYS A 311 27.23 -22.75 67.12
CA LYS A 311 26.23 -22.20 68.02
C LYS A 311 26.19 -22.99 69.33
N VAL B 5 7.47 -2.32 -11.51
CA VAL B 5 6.16 -2.08 -10.92
C VAL B 5 5.07 -2.51 -11.89
N GLN B 6 4.12 -3.30 -11.39
CA GLN B 6 3.03 -3.80 -12.21
C GLN B 6 1.78 -3.90 -11.36
N LEU B 7 0.70 -3.28 -11.81
CA LEU B 7 -0.60 -3.35 -11.16
C LEU B 7 -1.57 -4.13 -12.05
N VAL B 8 -2.17 -5.17 -11.49
CA VAL B 8 -3.09 -6.03 -12.24
C VAL B 8 -4.40 -6.11 -11.46
N GLU B 9 -5.50 -5.74 -12.11
CA GLU B 9 -6.82 -5.81 -11.51
C GLU B 9 -7.64 -6.91 -12.17
N SER B 10 -8.55 -7.50 -11.39
CA SER B 10 -9.38 -8.58 -11.88
C SER B 10 -10.65 -8.67 -11.05
N GLY B 11 -11.67 -9.31 -11.61
CA GLY B 11 -12.91 -9.52 -10.90
C GLY B 11 -14.10 -8.79 -11.49
N GLY B 12 -13.90 -8.11 -12.61
CA GLY B 12 -14.97 -7.33 -13.20
C GLY B 12 -15.78 -8.08 -14.24
N GLY B 13 -17.09 -8.13 -14.06
CA GLY B 13 -17.96 -8.79 -15.00
C GLY B 13 -19.40 -8.30 -14.93
N LEU B 14 -20.29 -8.95 -15.67
CA LEU B 14 -21.69 -8.56 -15.66
C LEU B 14 -22.34 -8.90 -14.33
N VAL B 15 -23.19 -7.99 -13.84
CA VAL B 15 -23.89 -8.17 -12.57
C VAL B 15 -25.15 -7.34 -12.62
N GLN B 16 -26.22 -7.84 -11.95
CA GLN B 16 -27.52 -7.22 -11.89
C GLN B 16 -27.50 -5.97 -11.01
N PRO B 17 -28.45 -5.05 -11.20
CA PRO B 17 -28.44 -3.82 -10.41
C PRO B 17 -28.90 -4.03 -8.97
N GLY B 18 -27.96 -4.41 -8.12
CA GLY B 18 -28.27 -4.70 -6.73
C GLY B 18 -27.43 -5.85 -6.19
N GLY B 19 -26.61 -6.44 -7.05
CA GLY B 19 -25.70 -7.49 -6.65
C GLY B 19 -24.43 -6.95 -6.05
N SER B 20 -23.49 -7.87 -5.81
CA SER B 20 -22.21 -7.53 -5.20
C SER B 20 -21.08 -8.09 -6.06
N LEU B 21 -20.05 -7.28 -6.25
CA LEU B 21 -18.87 -7.69 -7.01
C LEU B 21 -17.62 -7.24 -6.27
N ARG B 22 -16.62 -8.11 -6.20
CA ARG B 22 -15.39 -7.85 -5.46
C ARG B 22 -14.24 -7.74 -6.46
N LEU B 23 -13.71 -6.54 -6.60
CA LEU B 23 -12.56 -6.30 -7.46
C LEU B 23 -11.26 -6.44 -6.66
N SER B 24 -10.26 -7.04 -7.29
CA SER B 24 -8.98 -7.28 -6.65
C SER B 24 -7.88 -6.63 -7.47
N CYS B 25 -6.93 -6.00 -6.79
CA CYS B 25 -5.78 -5.34 -7.42
C CYS B 25 -4.52 -6.05 -6.95
N ALA B 26 -3.94 -6.87 -7.82
CA ALA B 26 -2.72 -7.60 -7.50
C ALA B 26 -1.51 -6.71 -7.78
N ALA B 27 -0.78 -6.35 -6.74
CA ALA B 27 0.39 -5.50 -6.86
C ALA B 27 1.67 -6.32 -6.74
N SER B 28 2.67 -5.95 -7.54
CA SER B 28 3.94 -6.64 -7.54
C SER B 28 5.03 -5.70 -8.02
N GLY B 29 6.23 -5.87 -7.47
CA GLY B 29 7.38 -5.08 -7.87
C GLY B 29 7.71 -3.91 -6.98
N PHE B 30 7.03 -3.75 -5.84
CA PHE B 30 7.31 -2.65 -4.94
C PHE B 30 6.83 -3.02 -3.54
N ASN B 31 7.35 -2.29 -2.55
CA ASN B 31 6.96 -2.50 -1.17
C ASN B 31 5.52 -2.04 -0.96
N PHE B 32 4.62 -2.98 -0.67
CA PHE B 32 3.21 -2.66 -0.54
C PHE B 32 2.90 -1.76 0.66
N SER B 33 3.79 -1.71 1.65
CA SER B 33 3.58 -0.91 2.84
C SER B 33 4.15 0.50 2.70
N TYR B 34 4.68 0.84 1.54
CA TYR B 34 5.21 2.16 1.26
C TYR B 34 4.28 3.04 0.45
N TYR B 35 3.29 2.46 -0.20
CA TYR B 35 2.41 3.16 -1.13
C TYR B 35 0.95 2.90 -0.79
N SER B 36 0.08 3.65 -1.45
CA SER B 36 -1.36 3.51 -1.31
C SER B 36 -1.97 3.10 -2.64
N ILE B 37 -3.05 2.34 -2.57
CA ILE B 37 -3.74 1.82 -3.75
C ILE B 37 -5.04 2.58 -3.92
N HIS B 38 -5.21 3.21 -5.08
CA HIS B 38 -6.40 3.98 -5.41
C HIS B 38 -7.26 3.22 -6.41
N TRP B 39 -8.53 3.59 -6.48
CA TRP B 39 -9.48 3.02 -7.43
C TRP B 39 -10.12 4.18 -8.19
N VAL B 40 -9.86 4.25 -9.49
CA VAL B 40 -10.41 5.28 -10.36
C VAL B 40 -11.25 4.61 -11.44
N ARG B 41 -12.48 5.09 -11.59
CA ARG B 41 -13.41 4.53 -12.57
C ARG B 41 -13.65 5.52 -13.69
N GLN B 42 -13.90 5.01 -14.89
CA GLN B 42 -14.20 5.83 -16.06
C GLN B 42 -15.43 5.28 -16.74
N ALA B 43 -16.53 6.04 -16.71
CA ALA B 43 -17.74 5.62 -17.39
C ALA B 43 -17.54 5.71 -18.90
N PRO B 44 -18.30 4.91 -19.67
CA PRO B 44 -18.17 4.99 -21.14
C PRO B 44 -18.56 6.36 -21.68
N GLY B 45 -17.64 6.98 -22.41
CA GLY B 45 -17.87 8.31 -22.94
C GLY B 45 -17.95 9.38 -21.86
N LYS B 46 -17.11 9.26 -20.83
CA LYS B 46 -17.08 10.21 -19.74
C LYS B 46 -15.66 10.29 -19.21
N GLY B 47 -15.40 11.30 -18.37
CA GLY B 47 -14.08 11.51 -17.83
C GLY B 47 -13.77 10.63 -16.64
N LEU B 48 -12.56 10.79 -16.12
CA LEU B 48 -12.11 10.00 -14.98
C LEU B 48 -12.84 10.41 -13.71
N GLU B 49 -12.98 9.46 -12.79
CA GLU B 49 -13.67 9.72 -11.53
C GLU B 49 -13.05 8.86 -10.45
N TRP B 50 -12.47 9.50 -9.44
CA TRP B 50 -11.86 8.78 -8.33
C TRP B 50 -12.93 8.19 -7.43
N VAL B 51 -12.67 7.00 -6.89
CA VAL B 51 -13.65 6.25 -6.10
C VAL B 51 -13.19 6.10 -4.65
N ALA B 52 -12.07 5.44 -4.42
CA ALA B 52 -11.62 5.14 -3.06
C ALA B 52 -10.14 4.84 -3.07
N TYR B 53 -9.57 4.75 -1.87
CA TYR B 53 -8.17 4.36 -1.71
C TYR B 53 -7.98 3.70 -0.36
N ILE B 54 -6.86 3.00 -0.22
CA ILE B 54 -6.46 2.39 1.06
C ILE B 54 -4.95 2.27 1.06
N SER B 55 -4.32 2.66 2.17
CA SER B 55 -2.87 2.58 2.22
C SER B 55 -2.38 1.18 2.61
N SER B 56 -2.61 0.79 3.85
CA SER B 56 -2.34 -0.59 4.28
C SER B 56 -3.50 -1.15 5.08
N SER B 57 -4.11 -0.29 5.91
CA SER B 57 -5.14 -0.69 6.86
C SER B 57 -6.37 0.19 6.70
N SER B 58 -7.34 0.01 7.60
CA SER B 58 -8.59 0.74 7.56
C SER B 58 -8.49 2.15 8.14
N SER B 59 -7.41 2.46 8.85
CA SER B 59 -7.26 3.81 9.41
C SER B 59 -7.15 4.85 8.31
N TYR B 60 -6.38 4.56 7.27
CA TYR B 60 -6.21 5.45 6.13
C TYR B 60 -7.06 4.91 4.99
N THR B 61 -8.27 5.45 4.87
CA THR B 61 -9.26 4.95 3.94
C THR B 61 -10.33 6.02 3.74
N SER B 62 -10.63 6.33 2.48
CA SER B 62 -11.64 7.35 2.17
C SER B 62 -12.33 6.99 0.86
N TYR B 63 -13.55 7.49 0.70
CA TYR B 63 -14.38 7.20 -0.46
C TYR B 63 -14.95 8.51 -1.00
N ALA B 64 -15.35 8.46 -2.27
CA ALA B 64 -16.00 9.60 -2.90
C ALA B 64 -17.44 9.74 -2.40
N ASP B 65 -18.03 10.90 -2.68
CA ASP B 65 -19.39 11.15 -2.22
C ASP B 65 -20.40 10.27 -2.94
N SER B 66 -20.13 9.88 -4.19
CA SER B 66 -21.08 9.09 -4.96
C SER B 66 -21.04 7.62 -4.61
N VAL B 67 -20.02 7.16 -3.91
CA VAL B 67 -19.88 5.75 -3.54
C VAL B 67 -19.82 5.58 -2.02
N LYS B 68 -20.13 6.63 -1.27
CA LYS B 68 -20.03 6.59 0.18
C LYS B 68 -21.19 5.78 0.75
N GLY B 69 -20.87 4.69 1.44
CA GLY B 69 -21.88 3.86 2.08
C GLY B 69 -22.01 2.49 1.44
N ARG B 70 -21.93 2.43 0.10
CA ARG B 70 -22.08 1.17 -0.60
C ARG B 70 -20.74 0.46 -0.73
N PHE B 71 -19.77 1.12 -1.36
CA PHE B 71 -18.47 0.50 -1.61
C PHE B 71 -17.70 0.36 -0.29
N THR B 72 -16.84 -0.65 -0.25
CA THR B 72 -15.99 -0.89 0.93
C THR B 72 -14.65 -1.40 0.44
N ILE B 73 -13.58 -0.71 0.82
CA ILE B 73 -12.24 -1.04 0.35
C ILE B 73 -11.47 -1.73 1.47
N SER B 74 -10.72 -2.77 1.10
CA SER B 74 -9.89 -3.51 2.03
C SER B 74 -8.58 -3.87 1.34
N ALA B 75 -7.56 -4.15 2.15
CA ALA B 75 -6.25 -4.48 1.65
C ALA B 75 -5.73 -5.75 2.31
N ASP B 76 -4.92 -6.50 1.57
CA ASP B 76 -4.29 -7.72 2.05
C ASP B 76 -2.78 -7.54 1.91
N THR B 77 -2.13 -7.11 2.99
CA THR B 77 -0.70 -6.85 2.95
C THR B 77 0.09 -8.14 2.77
N SER B 78 -0.49 -9.28 3.13
CA SER B 78 0.23 -10.56 3.02
C SER B 78 0.58 -10.89 1.58
N LYS B 79 -0.36 -10.69 0.65
CA LYS B 79 -0.16 -11.06 -0.74
C LYS B 79 -0.18 -9.84 -1.68
N ASN B 80 -0.07 -8.63 -1.12
CA ASN B 80 -0.04 -7.40 -1.89
C ASN B 80 -1.25 -7.29 -2.83
N THR B 81 -2.43 -7.29 -2.22
CA THR B 81 -3.67 -7.24 -2.97
C THR B 81 -4.67 -6.36 -2.24
N ALA B 82 -5.30 -5.44 -2.96
CA ALA B 82 -6.34 -4.58 -2.43
C ALA B 82 -7.69 -4.95 -3.04
N TYR B 83 -8.73 -4.88 -2.22
CA TYR B 83 -10.06 -5.31 -2.63
C TYR B 83 -11.04 -4.15 -2.55
N LEU B 84 -12.02 -4.15 -3.46
CA LEU B 84 -13.07 -3.14 -3.52
C LEU B 84 -14.41 -3.87 -3.59
N GLN B 85 -15.03 -4.06 -2.43
CA GLN B 85 -16.33 -4.72 -2.36
C GLN B 85 -17.42 -3.72 -2.72
N MET B 86 -18.12 -3.96 -3.83
CA MET B 86 -19.12 -3.03 -4.36
C MET B 86 -20.49 -3.65 -4.16
N ASN B 87 -21.20 -3.21 -3.13
CA ASN B 87 -22.51 -3.74 -2.78
C ASN B 87 -23.61 -2.81 -3.30
N SER B 88 -24.71 -3.41 -3.75
CA SER B 88 -25.90 -2.67 -4.20
C SER B 88 -25.55 -1.71 -5.34
N LEU B 89 -25.03 -2.29 -6.42
CA LEU B 89 -24.64 -1.50 -7.58
C LEU B 89 -25.86 -0.96 -8.31
N ARG B 90 -25.77 0.30 -8.73
CA ARG B 90 -26.81 0.93 -9.52
C ARG B 90 -26.43 0.86 -11.00
N ALA B 91 -27.32 1.28 -11.88
CA ALA B 91 -27.09 1.21 -13.33
C ALA B 91 -26.08 2.23 -13.82
N GLU B 92 -25.67 3.18 -12.99
CA GLU B 92 -24.68 4.19 -13.35
C GLU B 92 -23.28 3.78 -12.92
N ASP B 93 -23.11 2.57 -12.40
CA ASP B 93 -21.81 2.06 -11.99
C ASP B 93 -21.11 1.27 -13.08
N THR B 94 -21.71 1.19 -14.27
CA THR B 94 -21.06 0.53 -15.41
C THR B 94 -19.93 1.41 -15.90
N ALA B 95 -18.70 0.97 -15.68
CA ALA B 95 -17.53 1.78 -15.98
C ALA B 95 -16.29 0.87 -15.97
N VAL B 96 -15.20 1.39 -16.49
CA VAL B 96 -13.90 0.72 -16.42
C VAL B 96 -13.21 1.18 -15.16
N TYR B 97 -12.84 0.23 -14.31
CA TYR B 97 -12.26 0.52 -12.99
C TYR B 97 -10.75 0.33 -13.06
N TYR B 98 -10.02 1.43 -13.09
CA TYR B 98 -8.57 1.41 -13.09
C TYR B 98 -8.04 1.38 -11.67
N CYS B 99 -6.91 0.71 -11.49
CA CYS B 99 -6.23 0.63 -10.20
C CYS B 99 -4.93 1.44 -10.30
N ALA B 100 -4.74 2.36 -9.36
CA ALA B 100 -3.60 3.26 -9.39
C ALA B 100 -2.83 3.18 -8.07
N ARG B 101 -1.61 3.72 -8.10
CA ARG B 101 -0.74 3.77 -6.94
C ARG B 101 -0.49 5.22 -6.55
N GLY B 102 -0.01 5.40 -5.33
CA GLY B 102 0.30 6.73 -4.85
C GLY B 102 1.20 6.66 -3.63
N TYR B 103 1.29 7.78 -2.94
CA TYR B 103 2.04 7.83 -1.69
C TYR B 103 1.22 7.26 -0.55
N GLN B 104 1.91 6.68 0.44
CA GLN B 104 1.22 6.12 1.59
C GLN B 104 0.45 7.20 2.35
N TYR B 105 1.07 8.36 2.54
CA TYR B 105 0.41 9.51 3.17
C TYR B 105 0.33 10.63 2.14
N TRP B 106 -0.73 10.59 1.32
CA TRP B 106 -0.90 11.63 0.33
C TRP B 106 -1.74 12.80 0.84
N GLN B 107 -2.61 12.56 1.83
CA GLN B 107 -3.33 13.66 2.46
C GLN B 107 -2.43 14.52 3.32
N TYR B 108 -1.47 13.92 4.02
CA TYR B 108 -0.53 14.68 4.82
C TYR B 108 0.43 15.50 3.96
N HIS B 109 0.82 14.99 2.80
CA HIS B 109 1.71 15.69 1.89
C HIS B 109 0.98 16.66 0.97
N ALA B 110 -0.36 16.66 0.98
CA ALA B 110 -1.12 17.51 0.08
C ALA B 110 -1.06 18.95 0.58
N SER B 111 -0.48 19.83 -0.24
CA SER B 111 -0.35 21.23 0.11
C SER B 111 -0.43 22.04 -1.18
N TRP B 112 -0.23 23.35 -1.08
CA TRP B 112 -0.32 24.24 -2.23
C TRP B 112 0.81 24.05 -3.22
N TYR B 113 1.85 23.29 -2.87
CA TYR B 113 3.01 23.12 -3.72
C TYR B 113 3.35 21.67 -4.02
N TRP B 114 2.64 20.71 -3.45
CA TRP B 114 2.93 19.30 -3.67
C TRP B 114 1.69 18.54 -4.10
N ASN B 115 1.86 17.69 -5.10
CA ASN B 115 0.83 16.72 -5.49
C ASN B 115 1.57 15.59 -6.20
N GLY B 116 1.78 14.49 -5.49
CA GLY B 116 2.54 13.38 -6.04
C GLY B 116 1.86 12.75 -7.25
N GLY B 117 0.53 12.75 -7.26
CA GLY B 117 -0.20 12.15 -8.34
C GLY B 117 -0.27 10.64 -8.22
N LEU B 118 -0.92 10.04 -9.20
CA LEU B 118 -1.09 8.58 -9.25
C LEU B 118 0.00 8.01 -10.15
N ASP B 119 1.00 7.36 -9.53
CA ASP B 119 2.22 6.94 -10.21
C ASP B 119 1.98 5.92 -11.31
N TYR B 120 1.53 4.73 -10.93
CA TYR B 120 1.36 3.63 -11.86
C TYR B 120 -0.10 3.18 -11.87
N TRP B 121 -0.62 2.93 -13.07
CA TRP B 121 -2.02 2.57 -13.26
C TRP B 121 -2.13 1.10 -13.69
N GLY B 122 -3.37 0.62 -13.73
CA GLY B 122 -3.66 -0.72 -14.18
C GLY B 122 -4.15 -0.77 -15.61
N GLN B 123 -4.84 -1.86 -15.95
CA GLN B 123 -5.38 -2.03 -17.27
C GLN B 123 -6.85 -1.64 -17.34
N GLY B 124 -7.64 -2.06 -16.35
CA GLY B 124 -9.03 -1.69 -16.29
C GLY B 124 -9.99 -2.85 -16.54
N THR B 125 -10.65 -3.31 -15.49
CA THR B 125 -11.66 -4.38 -15.60
C THR B 125 -13.02 -3.72 -15.76
N LEU B 126 -13.52 -3.75 -16.99
CA LEU B 126 -14.84 -3.19 -17.27
C LEU B 126 -15.92 -4.04 -16.60
N VAL B 127 -16.68 -3.40 -15.71
CA VAL B 127 -17.80 -4.04 -15.03
C VAL B 127 -19.07 -3.32 -15.47
N THR B 128 -20.03 -4.07 -15.98
CA THR B 128 -21.30 -3.52 -16.43
C THR B 128 -22.42 -3.94 -15.48
N VAL B 129 -23.40 -3.06 -15.35
CA VAL B 129 -24.55 -3.33 -14.49
C VAL B 129 -25.82 -3.15 -15.31
N SER B 130 -26.48 -4.25 -15.64
CA SER B 130 -27.69 -4.23 -16.44
C SER B 130 -28.60 -5.39 -16.05
N SER B 131 -29.89 -5.11 -15.95
CA SER B 131 -30.90 -6.11 -15.67
C SER B 131 -31.49 -6.67 -16.96
N ALA B 132 -30.63 -7.14 -17.86
CA ALA B 132 -31.07 -7.65 -19.15
C ALA B 132 -30.32 -8.93 -19.47
N SER B 133 -30.93 -9.77 -20.29
CA SER B 133 -30.34 -11.03 -20.71
C SER B 133 -29.72 -10.90 -22.09
N THR B 134 -28.64 -11.64 -22.31
CA THR B 134 -27.96 -11.61 -23.60
C THR B 134 -28.84 -12.14 -24.71
N LYS B 135 -28.71 -11.55 -25.89
CA LYS B 135 -29.48 -11.97 -27.05
C LYS B 135 -28.70 -11.64 -28.32
N GLY B 136 -29.07 -12.31 -29.40
CA GLY B 136 -28.42 -12.12 -30.68
C GLY B 136 -28.83 -10.81 -31.33
N PRO B 137 -27.97 -10.30 -32.22
CA PRO B 137 -28.28 -9.04 -32.90
C PRO B 137 -29.37 -9.22 -33.94
N SER B 138 -30.06 -8.12 -34.22
CA SER B 138 -31.09 -8.06 -35.26
C SER B 138 -30.61 -7.11 -36.35
N VAL B 139 -30.61 -7.58 -37.59
CA VAL B 139 -30.08 -6.84 -38.73
C VAL B 139 -31.25 -6.40 -39.62
N PHE B 140 -31.27 -5.11 -39.96
CA PHE B 140 -32.28 -4.57 -40.85
C PHE B 140 -31.57 -3.75 -41.94
N PRO B 141 -31.80 -4.05 -43.21
CA PRO B 141 -31.10 -3.31 -44.27
C PRO B 141 -31.61 -1.88 -44.39
N LEU B 142 -30.74 -1.04 -44.96
CA LEU B 142 -31.05 0.37 -45.22
C LEU B 142 -30.96 0.57 -46.74
N ALA B 143 -32.08 0.36 -47.42
CA ALA B 143 -32.11 0.48 -48.87
C ALA B 143 -32.06 1.94 -49.30
N PRO B 144 -31.08 2.34 -50.11
CA PRO B 144 -31.04 3.73 -50.58
C PRO B 144 -32.18 4.04 -51.53
N SER B 145 -32.61 5.29 -51.52
CA SER B 145 -33.66 5.74 -52.41
C SER B 145 -33.13 5.88 -53.83
N SER B 146 -34.04 5.77 -54.80
CA SER B 146 -33.66 5.86 -56.21
C SER B 146 -33.20 7.26 -56.58
N LYS B 147 -33.52 8.27 -55.77
CA LYS B 147 -33.13 9.66 -56.03
C LYS B 147 -32.16 10.18 -54.97
N SER B 148 -31.30 9.31 -54.45
CA SER B 148 -30.31 9.68 -53.45
C SER B 148 -29.00 9.99 -54.15
N THR B 149 -28.91 11.20 -54.71
CA THR B 149 -27.73 11.66 -55.45
C THR B 149 -27.35 10.68 -56.56
N SER B 150 -28.31 10.38 -57.42
CA SER B 150 -28.08 9.45 -58.52
C SER B 150 -27.08 10.05 -59.52
N GLY B 151 -26.21 9.20 -60.05
CA GLY B 151 -25.19 9.62 -60.98
C GLY B 151 -23.88 10.04 -60.34
N GLY B 152 -23.83 10.12 -59.02
CA GLY B 152 -22.61 10.48 -58.33
C GLY B 152 -22.34 9.63 -57.11
N THR B 153 -22.06 10.26 -55.98
CA THR B 153 -21.83 9.53 -54.74
C THR B 153 -23.12 8.91 -54.23
N ALA B 154 -23.02 7.70 -53.71
CA ALA B 154 -24.16 7.00 -53.13
C ALA B 154 -23.76 6.41 -51.78
N ALA B 155 -24.73 6.35 -50.87
CA ALA B 155 -24.50 5.90 -49.50
C ALA B 155 -25.27 4.62 -49.24
N LEU B 156 -24.57 3.60 -48.76
CA LEU B 156 -25.17 2.33 -48.36
C LEU B 156 -24.88 2.08 -46.89
N GLY B 157 -25.88 1.62 -46.16
CA GLY B 157 -25.73 1.42 -44.73
C GLY B 157 -26.46 0.19 -44.24
N CYS B 158 -26.16 -0.17 -42.99
CA CYS B 158 -26.79 -1.28 -42.30
C CYS B 158 -27.03 -0.90 -40.85
N LEU B 159 -28.07 -1.49 -40.27
CA LEU B 159 -28.48 -1.20 -38.90
C LEU B 159 -28.54 -2.50 -38.11
N VAL B 160 -27.93 -2.49 -36.92
CA VAL B 160 -27.96 -3.62 -36.00
C VAL B 160 -28.58 -3.14 -34.69
N LYS B 161 -29.61 -3.84 -34.22
CA LYS B 161 -30.39 -3.39 -33.08
C LYS B 161 -30.64 -4.57 -32.14
N ASP B 162 -30.76 -4.25 -30.85
CA ASP B 162 -31.18 -5.20 -29.82
C ASP B 162 -30.23 -6.40 -29.73
N TYR B 163 -28.99 -6.10 -29.33
CA TYR B 163 -28.00 -7.13 -29.05
C TYR B 163 -27.35 -6.85 -27.70
N PHE B 164 -26.90 -7.93 -27.06
CA PHE B 164 -26.31 -7.85 -25.73
C PHE B 164 -25.31 -8.99 -25.58
N PRO B 165 -24.12 -8.73 -25.05
CA PRO B 165 -23.60 -7.43 -24.56
C PRO B 165 -22.98 -6.57 -25.66
N GLU B 166 -22.17 -5.60 -25.25
CA GLU B 166 -21.61 -4.63 -26.19
C GLU B 166 -20.74 -5.22 -27.29
N PRO B 167 -19.78 -6.12 -27.02
CA PRO B 167 -18.83 -6.51 -28.07
C PRO B 167 -19.52 -7.12 -29.28
N VAL B 168 -19.27 -6.51 -30.45
CA VAL B 168 -19.81 -6.99 -31.71
C VAL B 168 -18.98 -6.36 -32.83
N THR B 169 -18.99 -6.98 -34.00
CA THR B 169 -18.22 -6.49 -35.14
C THR B 169 -19.03 -6.66 -36.42
N VAL B 170 -18.70 -5.84 -37.41
CA VAL B 170 -19.37 -5.86 -38.71
C VAL B 170 -18.30 -5.86 -39.80
N SER B 171 -18.49 -6.71 -40.81
CA SER B 171 -17.58 -6.82 -41.93
C SER B 171 -18.33 -6.56 -43.23
N TRP B 172 -17.69 -5.82 -44.14
CA TRP B 172 -18.27 -5.51 -45.45
C TRP B 172 -17.63 -6.40 -46.50
N ASN B 173 -18.45 -7.22 -47.16
CA ASN B 173 -18.01 -8.14 -48.20
C ASN B 173 -16.88 -9.04 -47.70
N SER B 174 -17.11 -9.62 -46.51
CA SER B 174 -16.12 -10.48 -45.85
C SER B 174 -14.79 -9.77 -45.67
N GLY B 175 -14.85 -8.49 -45.34
CA GLY B 175 -13.64 -7.70 -45.15
C GLY B 175 -12.81 -7.51 -46.40
N ALA B 176 -13.46 -7.39 -47.56
CA ALA B 176 -12.77 -7.16 -48.82
C ALA B 176 -13.01 -5.75 -49.36
N LEU B 177 -13.59 -4.87 -48.56
CA LEU B 177 -13.84 -3.50 -48.98
C LEU B 177 -13.55 -2.57 -47.82
N THR B 178 -12.85 -1.46 -48.10
CA THR B 178 -12.52 -0.47 -47.09
C THR B 178 -12.70 0.96 -47.62
N SER B 179 -13.50 1.13 -48.66
CA SER B 179 -13.70 2.45 -49.27
C SER B 179 -14.72 3.23 -48.45
N GLY B 180 -14.26 3.73 -47.31
CA GLY B 180 -15.10 4.54 -46.44
C GLY B 180 -16.00 3.73 -45.54
N VAL B 181 -15.42 2.82 -44.76
CA VAL B 181 -16.17 1.99 -43.83
C VAL B 181 -16.21 2.70 -42.49
N HIS B 182 -17.41 3.07 -42.05
CA HIS B 182 -17.61 3.73 -40.77
C HIS B 182 -18.46 2.83 -39.87
N THR B 183 -18.00 2.64 -38.64
CA THR B 183 -18.71 1.84 -37.64
C THR B 183 -18.92 2.72 -36.41
N PHE B 184 -20.11 3.28 -36.27
CA PHE B 184 -20.40 4.16 -35.16
C PHE B 184 -20.40 3.38 -33.84
N PRO B 185 -19.95 4.00 -32.76
CA PRO B 185 -19.91 3.30 -31.48
C PRO B 185 -21.30 2.91 -30.99
N ALA B 186 -21.36 1.80 -30.26
CA ALA B 186 -22.63 1.32 -29.74
C ALA B 186 -23.21 2.30 -28.74
N VAL B 187 -24.53 2.47 -28.79
CA VAL B 187 -25.27 3.37 -27.91
C VAL B 187 -26.26 2.56 -27.10
N LEU B 188 -26.26 2.76 -25.79
CA LEU B 188 -27.17 2.05 -24.91
C LEU B 188 -28.60 2.52 -25.14
N GLN B 189 -29.53 1.59 -25.29
CA GLN B 189 -30.93 1.90 -25.52
C GLN B 189 -31.66 2.05 -24.19
N SER B 190 -32.81 2.72 -24.24
CA SER B 190 -33.61 2.93 -23.04
C SER B 190 -34.17 1.62 -22.50
N SER B 191 -34.33 0.60 -23.33
CA SER B 191 -34.85 -0.69 -22.91
C SER B 191 -33.78 -1.61 -22.34
N GLY B 192 -32.52 -1.17 -22.32
CA GLY B 192 -31.44 -1.98 -21.80
C GLY B 192 -30.64 -2.74 -22.84
N LEU B 193 -30.86 -2.48 -24.12
CA LEU B 193 -30.17 -3.16 -25.20
C LEU B 193 -29.18 -2.21 -25.87
N TYR B 194 -28.50 -2.72 -26.91
CA TYR B 194 -27.48 -1.97 -27.61
C TYR B 194 -27.80 -1.94 -29.10
N SER B 195 -27.35 -0.89 -29.77
CA SER B 195 -27.57 -0.72 -31.20
C SER B 195 -26.27 -0.25 -31.85
N LEU B 196 -26.11 -0.57 -33.12
CA LEU B 196 -24.92 -0.19 -33.88
C LEU B 196 -25.28 -0.12 -35.36
N SER B 197 -24.65 0.82 -36.06
CA SER B 197 -24.91 1.03 -37.48
C SER B 197 -23.59 1.10 -38.24
N SER B 198 -23.56 0.44 -39.39
CA SER B 198 -22.40 0.43 -40.28
C SER B 198 -22.82 0.96 -41.64
N VAL B 199 -22.04 1.90 -42.18
CA VAL B 199 -22.36 2.54 -43.45
C VAL B 199 -21.11 2.59 -44.31
N VAL B 200 -21.34 2.68 -45.63
CA VAL B 200 -20.27 2.79 -46.62
C VAL B 200 -20.74 3.72 -47.74
N THR B 201 -19.78 4.15 -48.56
CA THR B 201 -20.07 4.96 -49.73
C THR B 201 -19.74 4.17 -50.99
N VAL B 202 -20.64 4.23 -51.96
CA VAL B 202 -20.51 3.44 -53.19
C VAL B 202 -20.70 4.36 -54.40
N PRO B 203 -20.11 4.05 -55.56
CA PRO B 203 -20.30 4.90 -56.73
C PRO B 203 -21.63 4.67 -57.42
N SER B 204 -21.83 5.32 -58.56
CA SER B 204 -23.05 5.23 -59.34
C SER B 204 -22.97 4.03 -60.28
N SER B 205 -23.89 3.95 -61.25
CA SER B 205 -23.94 2.89 -62.25
C SER B 205 -24.19 1.53 -61.60
N SER B 206 -25.37 1.44 -60.95
CA SER B 206 -25.84 0.20 -60.32
C SER B 206 -24.84 -0.32 -59.28
N LEU B 207 -24.25 0.62 -58.53
CA LEU B 207 -23.31 0.33 -57.44
C LEU B 207 -22.32 -0.78 -57.77
N GLY B 208 -21.77 -0.75 -58.98
CA GLY B 208 -20.82 -1.77 -59.38
C GLY B 208 -21.41 -3.12 -59.66
N THR B 209 -22.70 -3.17 -60.00
CA THR B 209 -23.45 -4.39 -60.34
C THR B 209 -23.08 -5.59 -59.47
N GLN B 210 -22.90 -5.36 -58.17
CA GLN B 210 -22.56 -6.40 -57.23
C GLN B 210 -23.43 -6.27 -55.99
N THR B 211 -23.63 -7.39 -55.31
CA THR B 211 -24.45 -7.44 -54.10
C THR B 211 -23.54 -7.36 -52.88
N TYR B 212 -23.74 -6.33 -52.06
CA TYR B 212 -22.98 -6.18 -50.83
C TYR B 212 -23.55 -7.10 -49.75
N ILE B 213 -22.67 -7.64 -48.92
CA ILE B 213 -23.05 -8.60 -47.89
C ILE B 213 -22.47 -8.09 -46.57
N CYS B 214 -23.19 -8.29 -45.47
CA CYS B 214 -22.87 -7.65 -44.20
C CYS B 214 -22.57 -8.70 -43.14
N ASN B 215 -21.31 -9.14 -43.08
CA ASN B 215 -20.89 -10.16 -42.11
C ASN B 215 -20.85 -9.54 -40.72
N VAL B 216 -21.86 -9.84 -39.91
CA VAL B 216 -21.95 -9.35 -38.54
C VAL B 216 -21.87 -10.56 -37.61
N ASN B 217 -20.92 -10.52 -36.69
CA ASN B 217 -20.66 -11.63 -35.76
C ASN B 217 -20.75 -11.14 -34.34
N HIS B 218 -21.51 -11.85 -33.51
CA HIS B 218 -21.63 -11.57 -32.08
C HIS B 218 -21.05 -12.75 -31.32
N LYS B 219 -19.85 -12.55 -30.75
CA LYS B 219 -19.15 -13.66 -30.10
C LYS B 219 -19.91 -14.26 -28.93
N PRO B 220 -20.45 -13.48 -27.97
CA PRO B 220 -21.18 -14.12 -26.86
C PRO B 220 -22.38 -14.94 -27.30
N SER B 221 -23.10 -14.49 -28.32
CA SER B 221 -24.27 -15.21 -28.80
C SER B 221 -23.97 -16.18 -29.93
N ASN B 222 -22.74 -16.19 -30.44
CA ASN B 222 -22.34 -17.06 -31.55
C ASN B 222 -23.27 -16.89 -32.74
N THR B 223 -23.67 -15.65 -33.01
CA THR B 223 -24.62 -15.33 -34.07
C THR B 223 -23.87 -14.71 -35.24
N LYS B 224 -24.08 -15.27 -36.42
CA LYS B 224 -23.50 -14.77 -37.66
C LYS B 224 -24.57 -14.56 -38.72
N VAL B 225 -25.75 -14.10 -38.29
CA VAL B 225 -26.84 -13.84 -39.22
C VAL B 225 -26.45 -12.70 -40.15
N ASP B 226 -26.99 -12.72 -41.37
CA ASP B 226 -26.59 -11.77 -42.39
C ASP B 226 -27.79 -11.41 -43.26
N LYS B 227 -27.85 -10.14 -43.66
CA LYS B 227 -28.92 -9.63 -44.51
C LYS B 227 -28.33 -8.87 -45.68
N LYS B 228 -28.91 -9.07 -46.86
CA LYS B 228 -28.46 -8.39 -48.06
C LYS B 228 -28.99 -6.96 -48.12
N VAL B 229 -28.24 -6.11 -48.82
CA VAL B 229 -28.61 -4.71 -49.02
C VAL B 229 -28.64 -4.42 -50.51
N GLU B 230 -29.76 -3.91 -51.01
CA GLU B 230 -29.92 -3.56 -52.41
C GLU B 230 -30.81 -2.33 -52.52
N PRO B 231 -30.65 -1.53 -53.57
CA PRO B 231 -31.55 -0.39 -53.75
C PRO B 231 -32.97 -0.83 -54.07
N LYS B 232 -33.93 -0.03 -53.64
CA LYS B 232 -35.34 -0.32 -53.88
C LYS B 232 -36.17 0.95 -53.97
N MET C 5 -13.07 21.21 -10.53
CA MET C 5 -12.23 21.55 -11.67
C MET C 5 -13.05 21.69 -12.95
N THR C 6 -13.06 22.89 -13.50
CA THR C 6 -13.74 23.19 -14.76
C THR C 6 -12.70 23.75 -15.72
N GLN C 7 -12.03 22.87 -16.45
CA GLN C 7 -11.05 23.30 -17.44
C GLN C 7 -11.73 24.14 -18.50
N SER C 8 -11.15 25.31 -18.79
CA SER C 8 -11.78 26.24 -19.73
C SER C 8 -11.95 25.64 -21.12
N PRO C 9 -10.96 25.00 -21.73
CA PRO C 9 -11.22 24.29 -22.98
C PRO C 9 -11.56 22.83 -22.75
N SER C 10 -12.42 22.30 -23.64
CA SER C 10 -12.79 20.89 -23.61
C SER C 10 -12.57 20.20 -24.94
N SER C 11 -12.50 20.94 -26.04
CA SER C 11 -12.18 20.39 -27.35
C SER C 11 -11.41 21.41 -28.17
N LEU C 12 -10.08 21.33 -28.15
CA LEU C 12 -9.25 22.33 -28.79
C LEU C 12 -8.74 21.79 -30.13
N SER C 13 -8.71 22.66 -31.14
CA SER C 13 -8.18 22.30 -32.45
C SER C 13 -6.76 22.83 -32.59
N ALA C 14 -5.84 21.96 -32.99
CA ALA C 14 -4.45 22.34 -33.18
C ALA C 14 -3.79 21.37 -34.15
N SER C 15 -2.66 21.77 -34.70
CA SER C 15 -1.95 21.00 -35.70
C SER C 15 -0.54 20.65 -35.23
N VAL C 16 0.07 19.70 -35.92
CA VAL C 16 1.41 19.26 -35.56
C VAL C 16 2.41 20.38 -35.77
N GLY C 17 3.28 20.60 -34.79
CA GLY C 17 4.30 21.62 -34.83
C GLY C 17 3.91 22.90 -34.12
N ASP C 18 2.65 23.02 -33.71
CA ASP C 18 2.19 24.22 -33.03
C ASP C 18 2.30 24.03 -31.51
N ARG C 19 2.06 25.11 -30.77
CA ARG C 19 2.12 25.09 -29.32
C ARG C 19 0.70 25.19 -28.76
N VAL C 20 0.44 24.49 -27.67
CA VAL C 20 -0.88 24.41 -27.08
C VAL C 20 -0.79 24.71 -25.60
N THR C 21 -1.89 25.23 -25.04
CA THR C 21 -1.97 25.52 -23.61
C THR C 21 -3.32 25.03 -23.10
N ILE C 22 -3.29 24.17 -22.09
CA ILE C 22 -4.50 23.65 -21.45
C ILE C 22 -4.53 24.16 -20.01
N THR C 23 -5.62 24.79 -19.63
CA THR C 23 -5.76 25.40 -18.32
C THR C 23 -6.79 24.63 -17.49
N CYS C 24 -6.61 24.68 -16.17
CA CYS C 24 -7.50 23.98 -15.25
C CYS C 24 -7.58 24.79 -13.97
N ARG C 25 -8.69 25.48 -13.75
CA ARG C 25 -8.85 26.34 -12.60
C ARG C 25 -9.30 25.54 -11.39
N ALA C 26 -8.87 25.99 -10.21
CA ALA C 26 -9.29 25.40 -8.94
C ALA C 26 -10.50 26.12 -8.36
N SER C 27 -11.71 25.62 -8.60
CA SER C 27 -12.91 26.28 -8.13
C SER C 27 -13.13 26.04 -6.65
N GLN C 28 -12.14 26.42 -5.84
CA GLN C 28 -12.18 26.27 -4.39
C GLN C 28 -10.94 26.93 -3.81
N SER C 29 -10.94 27.09 -2.48
CA SER C 29 -9.78 27.61 -1.76
C SER C 29 -8.86 26.50 -1.26
N VAL C 30 -8.85 25.36 -1.96
CA VAL C 30 -8.07 24.19 -1.54
C VAL C 30 -7.12 23.81 -2.67
N SER C 31 -6.66 24.82 -3.42
CA SER C 31 -5.74 24.58 -4.53
C SER C 31 -4.52 23.81 -4.06
N SER C 32 -4.21 22.70 -4.75
CA SER C 32 -3.19 21.78 -4.29
C SER C 32 -2.30 21.30 -5.45
N ALA C 33 -1.86 22.26 -6.27
CA ALA C 33 -0.79 22.03 -7.25
C ALA C 33 -1.13 20.87 -8.18
N VAL C 34 -2.13 21.10 -9.02
CA VAL C 34 -2.76 20.08 -9.86
C VAL C 34 -1.71 19.22 -10.57
N ALA C 35 -2.00 17.93 -10.70
CA ALA C 35 -1.20 17.01 -11.48
C ALA C 35 -1.91 16.67 -12.79
N TRP C 36 -1.13 16.59 -13.86
CA TRP C 36 -1.68 16.41 -15.20
C TRP C 36 -1.45 14.99 -15.68
N TYR C 37 -2.49 14.41 -16.27
CA TYR C 37 -2.45 13.07 -16.84
C TYR C 37 -2.80 13.14 -18.32
N GLN C 38 -2.37 12.12 -19.06
CA GLN C 38 -2.71 11.98 -20.47
C GLN C 38 -3.35 10.63 -20.70
N GLN C 39 -4.49 10.61 -21.38
CA GLN C 39 -5.21 9.37 -21.65
C GLN C 39 -5.51 9.28 -23.14
N LYS C 40 -4.98 8.26 -23.77
CA LYS C 40 -5.28 7.97 -25.16
C LYS C 40 -6.60 7.21 -25.26
N PRO C 41 -7.27 7.26 -26.42
CA PRO C 41 -8.55 6.56 -26.57
C PRO C 41 -8.50 5.09 -26.17
N GLY C 42 -9.28 4.73 -25.14
CA GLY C 42 -9.35 3.36 -24.69
C GLY C 42 -8.07 2.83 -24.07
N LYS C 43 -7.37 3.67 -23.31
CA LYS C 43 -6.13 3.28 -22.66
C LYS C 43 -6.12 3.85 -21.25
N ALA C 44 -5.18 3.35 -20.44
CA ALA C 44 -5.05 3.82 -19.07
C ALA C 44 -4.36 5.19 -19.05
N PRO C 45 -4.70 6.04 -18.09
CA PRO C 45 -4.04 7.35 -18.01
C PRO C 45 -2.59 7.23 -17.60
N LYS C 46 -1.79 8.22 -18.00
CA LYS C 46 -0.37 8.27 -17.69
C LYS C 46 -0.07 9.61 -17.03
N LEU C 47 0.67 9.59 -15.93
CA LEU C 47 1.08 10.82 -15.27
C LEU C 47 2.02 11.61 -16.17
N LEU C 48 1.81 12.92 -16.22
CA LEU C 48 2.64 13.81 -17.02
C LEU C 48 3.43 14.79 -16.18
N ILE C 49 2.76 15.58 -15.35
CA ILE C 49 3.40 16.58 -14.50
C ILE C 49 2.81 16.47 -13.11
N TYR C 50 3.67 16.38 -12.10
CA TYR C 50 3.22 16.39 -10.71
C TYR C 50 3.71 17.66 -10.03
N SER C 51 2.96 18.08 -9.00
CA SER C 51 3.22 19.34 -8.29
C SER C 51 3.15 20.54 -9.24
N ALA C 52 2.44 20.37 -10.36
CA ALA C 52 2.10 21.43 -11.31
C ALA C 52 3.30 21.96 -12.07
N SER C 53 4.52 21.55 -11.73
CA SER C 53 5.69 21.99 -12.47
C SER C 53 6.62 20.84 -12.85
N SER C 54 6.77 19.88 -11.94
CA SER C 54 7.79 18.85 -12.09
C SER C 54 7.36 17.82 -13.14
N LEU C 55 8.33 17.40 -13.95
CA LEU C 55 8.07 16.45 -15.03
C LEU C 55 8.23 15.04 -14.53
N TYR C 56 7.25 14.19 -14.82
CA TYR C 56 7.34 12.77 -14.46
C TYR C 56 8.47 12.10 -15.22
N SER C 57 9.10 11.12 -14.58
CA SER C 57 10.24 10.43 -15.18
C SER C 57 9.85 9.73 -16.47
N GLY C 58 10.51 10.11 -17.56
CA GLY C 58 10.24 9.56 -18.88
C GLY C 58 9.45 10.46 -19.79
N VAL C 59 8.74 11.44 -19.24
CA VAL C 59 7.97 12.40 -20.03
C VAL C 59 8.92 13.32 -20.76
N PRO C 60 8.69 13.59 -22.05
CA PRO C 60 9.58 14.49 -22.79
C PRO C 60 9.61 15.89 -22.19
N SER C 61 10.75 16.56 -22.38
CA SER C 61 10.91 17.92 -21.90
C SER C 61 9.94 18.88 -22.59
N ARG C 62 9.33 18.45 -23.69
CA ARG C 62 8.33 19.25 -24.39
C ARG C 62 7.20 19.66 -23.45
N PHE C 63 6.70 18.71 -22.66
CA PHE C 63 5.61 19.00 -21.74
C PHE C 63 6.10 19.91 -20.61
N SER C 64 5.28 20.88 -20.23
CA SER C 64 5.61 21.80 -19.16
C SER C 64 4.33 22.28 -18.49
N GLY C 65 4.44 22.62 -17.21
CA GLY C 65 3.30 23.07 -16.43
C GLY C 65 3.62 24.35 -15.68
N SER C 66 2.71 25.31 -15.75
CA SER C 66 2.88 26.60 -15.08
C SER C 66 1.70 26.84 -14.17
N ARG C 67 1.66 28.03 -13.57
CA ARG C 67 0.57 28.45 -12.68
C ARG C 67 0.46 29.96 -12.77
N SER C 68 -0.47 30.44 -13.58
CA SER C 68 -0.72 31.87 -13.74
C SER C 68 -1.95 32.24 -12.92
N GLY C 69 -1.75 33.11 -11.93
CA GLY C 69 -2.83 33.45 -11.03
C GLY C 69 -3.25 32.22 -10.23
N THR C 70 -4.56 32.01 -10.13
CA THR C 70 -5.12 30.84 -9.50
C THR C 70 -5.43 29.72 -10.48
N ASP C 71 -5.07 29.90 -11.75
CA ASP C 71 -5.31 28.91 -12.80
C ASP C 71 -4.00 28.17 -13.11
N PHE C 72 -4.09 26.85 -13.16
CA PHE C 72 -2.96 26.02 -13.54
C PHE C 72 -3.03 25.71 -15.04
N THR C 73 -1.90 25.83 -15.73
CA THR C 73 -1.85 25.65 -17.16
C THR C 73 -0.87 24.55 -17.52
N LEU C 74 -1.17 23.84 -18.62
CA LEU C 74 -0.30 22.84 -19.21
C LEU C 74 0.02 23.27 -20.63
N THR C 75 1.32 23.39 -20.94
CA THR C 75 1.76 23.88 -22.23
C THR C 75 2.60 22.83 -22.92
N ILE C 76 2.29 22.58 -24.19
CA ILE C 76 3.08 21.69 -25.05
C ILE C 76 3.68 22.54 -26.16
N SER C 77 5.01 22.66 -26.16
CA SER C 77 5.71 23.59 -27.04
C SER C 77 5.60 23.19 -28.51
N SER C 78 5.89 21.92 -28.83
CA SER C 78 5.90 21.47 -30.22
C SER C 78 5.03 20.22 -30.34
N LEU C 79 3.74 20.47 -30.57
CA LEU C 79 2.74 19.40 -30.63
C LEU C 79 3.12 18.33 -31.66
N GLN C 80 3.41 17.14 -31.18
CA GLN C 80 3.76 16.00 -32.02
C GLN C 80 2.50 15.23 -32.38
N PRO C 81 2.50 14.41 -33.43
CA PRO C 81 1.31 13.62 -33.77
C PRO C 81 0.96 12.52 -32.77
N GLU C 82 1.73 12.38 -31.69
CA GLU C 82 1.42 11.43 -30.64
C GLU C 82 0.80 12.08 -29.41
N ASP C 83 0.72 13.42 -29.37
CA ASP C 83 0.20 14.15 -28.23
C ASP C 83 -1.27 14.52 -28.40
N PHE C 84 -2.00 13.78 -29.25
CA PHE C 84 -3.42 14.06 -29.49
C PHE C 84 -4.23 13.08 -28.64
N ALA C 85 -4.51 13.48 -27.41
CA ALA C 85 -5.21 12.64 -26.46
C ALA C 85 -6.02 13.53 -25.53
N THR C 86 -6.46 12.97 -24.41
CA THR C 86 -7.24 13.69 -23.40
C THR C 86 -6.37 13.93 -22.18
N TYR C 87 -6.42 15.16 -21.66
CA TYR C 87 -5.61 15.56 -20.52
C TYR C 87 -6.51 15.98 -19.36
N TYR C 88 -6.24 15.42 -18.18
CA TYR C 88 -7.00 15.72 -16.98
C TYR C 88 -6.10 16.36 -15.93
N CYS C 89 -6.73 17.06 -14.99
CA CYS C 89 -6.03 17.63 -13.85
C CYS C 89 -6.62 17.08 -12.56
N GLN C 90 -5.74 16.69 -11.64
CA GLN C 90 -6.14 16.08 -10.37
C GLN C 90 -5.75 16.99 -9.23
N GLN C 91 -6.65 17.14 -8.25
CA GLN C 91 -6.42 17.96 -7.07
C GLN C 91 -6.76 17.15 -5.83
N SER C 92 -5.79 17.00 -4.93
CA SER C 92 -6.04 16.33 -3.66
C SER C 92 -6.74 17.27 -2.70
N SER C 93 -8.01 17.00 -2.41
CA SER C 93 -8.79 17.81 -1.49
C SER C 93 -8.52 17.38 -0.05
N SER C 94 -9.40 17.79 0.88
CA SER C 94 -9.23 17.44 2.29
C SER C 94 -8.90 15.97 2.47
N SER C 95 -9.78 15.08 2.01
CA SER C 95 -9.52 13.65 2.13
C SER C 95 -9.93 12.89 0.87
N LEU C 96 -9.82 13.52 -0.30
CA LEU C 96 -10.23 12.90 -1.55
C LEU C 96 -9.58 13.64 -2.72
N ILE C 97 -9.34 12.93 -3.81
CA ILE C 97 -8.81 13.56 -5.01
C ILE C 97 -9.91 13.63 -6.06
N THR C 98 -9.88 14.69 -6.87
CA THR C 98 -10.90 14.92 -7.89
C THR C 98 -10.22 15.23 -9.21
N PHE C 99 -10.64 14.54 -10.26
CA PHE C 99 -10.12 14.76 -11.60
C PHE C 99 -10.94 15.84 -12.31
N GLY C 100 -10.31 16.47 -13.31
CA GLY C 100 -11.00 17.45 -14.10
C GLY C 100 -11.90 16.82 -15.13
N GLN C 101 -12.60 17.68 -15.89
CA GLN C 101 -13.51 17.19 -16.91
C GLN C 101 -12.74 16.60 -18.08
N GLY C 102 -11.55 17.10 -18.33
CA GLY C 102 -10.71 16.59 -19.41
C GLY C 102 -10.82 17.47 -20.65
N THR C 103 -9.68 17.69 -21.30
CA THR C 103 -9.60 18.47 -22.53
C THR C 103 -9.05 17.58 -23.63
N LYS C 104 -9.75 17.54 -24.76
CA LYS C 104 -9.36 16.72 -25.89
C LYS C 104 -8.65 17.58 -26.94
N VAL C 105 -7.52 17.10 -27.43
CA VAL C 105 -6.75 17.77 -28.46
C VAL C 105 -6.88 16.97 -29.74
N GLU C 106 -7.36 17.61 -30.80
CA GLU C 106 -7.58 16.99 -32.10
C GLU C 106 -6.69 17.67 -33.14
N ILE C 107 -6.88 17.31 -34.41
CA ILE C 107 -6.08 17.85 -35.51
C ILE C 107 -6.93 18.87 -36.26
N LYS C 108 -6.34 20.04 -36.50
CA LYS C 108 -7.05 21.11 -37.18
C LYS C 108 -7.30 20.76 -38.64
N ARG C 109 -8.32 21.38 -39.21
CA ARG C 109 -8.70 21.13 -40.60
C ARG C 109 -9.52 22.31 -41.10
N THR C 110 -9.61 22.43 -42.43
CA THR C 110 -10.50 23.39 -43.04
C THR C 110 -11.94 22.91 -42.91
N VAL C 111 -12.87 23.85 -43.10
CA VAL C 111 -14.29 23.54 -42.95
C VAL C 111 -14.79 22.87 -44.22
N ALA C 112 -15.45 21.72 -44.06
CA ALA C 112 -15.96 20.94 -45.18
C ALA C 112 -17.48 20.88 -45.11
N ALA C 113 -18.13 20.95 -46.28
CA ALA C 113 -19.58 20.98 -46.32
C ALA C 113 -20.14 19.59 -46.03
N PRO C 114 -21.03 19.45 -45.05
CA PRO C 114 -21.59 18.14 -44.73
C PRO C 114 -22.48 17.60 -45.85
N SER C 115 -22.50 16.27 -45.96
CA SER C 115 -23.33 15.58 -46.94
C SER C 115 -24.39 14.75 -46.22
N VAL C 116 -25.65 14.98 -46.55
CA VAL C 116 -26.79 14.40 -45.84
C VAL C 116 -27.40 13.30 -46.69
N PHE C 117 -27.66 12.14 -46.07
CA PHE C 117 -28.32 11.01 -46.71
C PHE C 117 -29.39 10.46 -45.79
N ILE C 118 -30.51 10.01 -46.38
CA ILE C 118 -31.60 9.42 -45.63
C ILE C 118 -31.93 8.05 -46.21
N PHE C 119 -32.29 7.12 -45.34
CA PHE C 119 -32.62 5.76 -45.74
C PHE C 119 -33.96 5.37 -45.14
N PRO C 120 -34.95 5.00 -45.95
CA PRO C 120 -36.24 4.60 -45.38
C PRO C 120 -36.12 3.28 -44.64
N PRO C 121 -37.01 3.02 -43.68
CA PRO C 121 -36.97 1.74 -42.97
C PRO C 121 -37.25 0.58 -43.91
N SER C 122 -36.61 -0.55 -43.63
CA SER C 122 -36.76 -1.72 -44.49
C SER C 122 -38.14 -2.34 -44.33
N ASP C 123 -38.59 -3.03 -45.38
CA ASP C 123 -39.89 -3.70 -45.33
C ASP C 123 -39.84 -4.92 -44.42
N SER C 124 -38.63 -5.42 -44.10
CA SER C 124 -38.52 -6.53 -43.17
C SER C 124 -38.72 -6.07 -41.73
N GLN C 125 -38.23 -4.87 -41.41
CA GLN C 125 -38.45 -4.31 -40.08
C GLN C 125 -39.90 -3.92 -39.85
N LEU C 126 -40.68 -3.76 -40.92
CA LEU C 126 -42.09 -3.41 -40.77
C LEU C 126 -42.86 -4.51 -40.04
N LYS C 127 -42.58 -5.77 -40.36
CA LYS C 127 -43.26 -6.88 -39.70
C LYS C 127 -42.78 -7.08 -38.28
N SER C 128 -41.61 -6.54 -37.92
CA SER C 128 -41.11 -6.69 -36.56
C SER C 128 -41.98 -5.94 -35.54
N GLY C 129 -42.51 -4.78 -35.94
CA GLY C 129 -43.34 -3.98 -35.06
C GLY C 129 -42.67 -2.76 -34.46
N THR C 130 -41.52 -2.36 -34.99
CA THR C 130 -40.81 -1.17 -34.49
C THR C 130 -40.13 -0.51 -35.68
N ALA C 131 -40.73 0.56 -36.19
CA ALA C 131 -40.20 1.29 -37.33
C ALA C 131 -39.15 2.29 -36.86
N SER C 132 -38.00 2.31 -37.55
CA SER C 132 -36.92 3.22 -37.23
C SER C 132 -36.42 3.87 -38.51
N VAL C 133 -36.23 5.18 -38.48
CA VAL C 133 -35.69 5.93 -39.60
C VAL C 133 -34.43 6.64 -39.15
N VAL C 134 -33.51 6.84 -40.09
CA VAL C 134 -32.25 7.50 -39.76
C VAL C 134 -31.66 8.33 -40.89
N CYS C 135 -31.15 9.50 -40.52
CA CYS C 135 -30.51 10.40 -41.47
C CYS C 135 -29.06 10.55 -41.06
N LEU C 136 -28.15 10.36 -42.02
CA LEU C 136 -26.74 10.19 -41.71
C LEU C 136 -25.92 11.33 -42.28
N LEU C 137 -24.90 11.75 -41.54
CA LEU C 137 -23.96 12.78 -41.96
C LEU C 137 -22.58 12.14 -42.15
N ASN C 138 -21.95 12.43 -43.28
CA ASN C 138 -20.68 11.82 -43.62
C ASN C 138 -19.67 12.91 -43.96
N ASN C 139 -18.48 12.82 -43.37
CA ASN C 139 -17.33 13.66 -43.70
C ASN C 139 -17.67 15.15 -43.55
N PHE C 140 -17.95 15.52 -42.31
CA PHE C 140 -18.26 16.91 -41.96
C PHE C 140 -17.27 17.41 -40.91
N TYR C 141 -16.88 18.68 -41.02
CA TYR C 141 -15.97 19.32 -40.10
C TYR C 141 -16.33 20.80 -40.01
N PRO C 142 -16.31 21.39 -38.80
CA PRO C 142 -15.95 20.80 -37.50
C PRO C 142 -17.03 19.89 -36.93
N ARG C 143 -16.73 19.22 -35.82
CA ARG C 143 -17.67 18.27 -35.23
C ARG C 143 -18.96 18.94 -34.77
N GLU C 144 -18.88 20.21 -34.35
CA GLU C 144 -20.04 20.92 -33.83
C GLU C 144 -21.13 21.03 -34.89
N ALA C 145 -22.25 20.35 -34.66
CA ALA C 145 -23.37 20.37 -35.59
C ALA C 145 -24.67 20.15 -34.81
N LYS C 146 -25.77 20.56 -35.43
CA LYS C 146 -27.10 20.40 -34.84
C LYS C 146 -27.99 19.70 -35.85
N VAL C 147 -28.67 18.64 -35.40
CA VAL C 147 -29.56 17.85 -36.25
C VAL C 147 -30.94 17.84 -35.60
N GLN C 148 -31.97 18.07 -36.42
CA GLN C 148 -33.34 18.10 -35.95
C GLN C 148 -34.22 17.23 -36.84
N TRP C 149 -35.24 16.63 -36.23
CA TRP C 149 -36.18 15.78 -36.94
C TRP C 149 -37.52 16.49 -37.03
N LYS C 150 -38.02 16.66 -38.26
CA LYS C 150 -39.30 17.32 -38.51
C LYS C 150 -40.19 16.38 -39.29
N VAL C 151 -41.37 16.07 -38.74
CA VAL C 151 -42.36 15.21 -39.38
C VAL C 151 -43.63 16.03 -39.57
N ASP C 152 -44.04 16.21 -40.83
CA ASP C 152 -45.20 17.01 -41.17
C ASP C 152 -45.09 18.42 -40.60
N ASN C 153 -43.89 18.99 -40.70
CA ASN C 153 -43.58 20.33 -40.18
C ASN C 153 -43.86 20.44 -38.69
N ALA C 154 -43.58 19.37 -37.94
CA ALA C 154 -43.73 19.35 -36.49
C ALA C 154 -42.41 18.96 -35.86
N LEU C 155 -42.07 19.60 -34.75
CA LEU C 155 -40.80 19.37 -34.07
C LEU C 155 -41.00 18.32 -32.98
N GLN C 156 -40.21 17.25 -33.05
CA GLN C 156 -40.27 16.17 -32.07
C GLN C 156 -38.92 16.04 -31.38
N SER C 157 -38.96 15.70 -30.09
CA SER C 157 -37.76 15.58 -29.29
C SER C 157 -37.87 14.38 -28.36
N GLY C 158 -36.72 13.84 -27.98
CA GLY C 158 -36.65 12.72 -27.07
C GLY C 158 -36.58 11.36 -27.72
N ASN C 159 -36.98 11.24 -28.99
CA ASN C 159 -36.93 9.99 -29.72
C ASN C 159 -35.66 9.84 -30.54
N SER C 160 -34.78 10.84 -30.54
CA SER C 160 -33.59 10.85 -31.37
C SER C 160 -32.38 10.32 -30.60
N GLN C 161 -31.40 9.83 -31.35
CA GLN C 161 -30.18 9.28 -30.77
C GLN C 161 -29.10 9.29 -31.83
N GLU C 162 -27.98 9.97 -31.55
CA GLU C 162 -26.90 10.09 -32.51
C GLU C 162 -25.59 9.64 -31.87
N SER C 163 -24.77 8.95 -32.67
CA SER C 163 -23.45 8.51 -32.26
C SER C 163 -22.41 9.06 -33.22
N VAL C 164 -21.39 9.73 -32.68
CA VAL C 164 -20.33 10.31 -33.47
C VAL C 164 -19.10 9.42 -33.38
N THR C 165 -18.37 9.30 -34.48
CA THR C 165 -17.20 8.44 -34.52
C THR C 165 -15.93 9.27 -34.29
N GLU C 166 -14.83 8.56 -34.05
CA GLU C 166 -13.55 9.21 -33.79
C GLU C 166 -13.02 9.88 -35.05
N GLN C 167 -12.06 10.80 -34.85
CA GLN C 167 -11.40 11.44 -35.98
C GLN C 167 -10.73 10.40 -36.87
N ASP C 168 -10.93 10.54 -38.18
CA ASP C 168 -10.30 9.65 -39.13
C ASP C 168 -8.79 9.91 -39.17
N SER C 169 -8.04 8.85 -39.43
CA SER C 169 -6.58 8.91 -39.43
C SER C 169 -6.01 9.54 -40.69
N LYS C 170 -6.75 9.52 -41.81
CA LYS C 170 -6.25 10.04 -43.07
C LYS C 170 -6.62 11.49 -43.32
N ASP C 171 -7.92 11.80 -43.37
CA ASP C 171 -8.37 13.16 -43.63
C ASP C 171 -8.71 13.94 -42.36
N SER C 172 -8.80 13.28 -41.21
CA SER C 172 -9.13 13.92 -39.94
C SER C 172 -10.51 14.59 -40.00
N THR C 173 -11.53 13.77 -40.25
CA THR C 173 -12.90 14.23 -40.34
C THR C 173 -13.82 13.25 -39.62
N TYR C 174 -14.91 13.77 -39.06
CA TYR C 174 -15.84 12.97 -38.28
C TYR C 174 -16.95 12.40 -39.16
N SER C 175 -17.96 11.81 -38.51
CA SER C 175 -19.16 11.32 -39.18
C SER C 175 -20.25 11.22 -38.13
N LEU C 176 -21.46 11.64 -38.50
CA LEU C 176 -22.58 11.69 -37.56
C LEU C 176 -23.78 10.96 -38.16
N SER C 177 -24.52 10.27 -37.30
CA SER C 177 -25.71 9.53 -37.74
C SER C 177 -26.73 9.54 -36.61
N SER C 178 -27.88 10.16 -36.85
CA SER C 178 -28.97 10.23 -35.90
C SER C 178 -30.10 9.33 -36.34
N THR C 179 -30.65 8.55 -35.42
CA THR C 179 -31.72 7.60 -35.72
C THR C 179 -32.96 7.92 -34.90
N LEU C 180 -34.11 7.67 -35.50
CA LEU C 180 -35.41 7.89 -34.87
C LEU C 180 -36.09 6.56 -34.62
N THR C 181 -36.79 6.46 -33.49
CA THR C 181 -37.53 5.26 -33.12
C THR C 181 -39.01 5.61 -32.95
N LEU C 182 -39.87 4.81 -33.57
CA LEU C 182 -41.31 5.05 -33.52
C LEU C 182 -42.04 3.71 -33.49
N SER C 183 -43.24 3.74 -32.92
CA SER C 183 -44.08 2.56 -32.87
C SER C 183 -44.64 2.24 -34.26
N LYS C 184 -45.24 1.05 -34.37
CA LYS C 184 -45.77 0.63 -35.67
C LYS C 184 -47.11 1.27 -35.97
N ALA C 185 -47.72 1.94 -34.99
CA ALA C 185 -48.97 2.63 -35.24
C ALA C 185 -48.74 4.12 -35.47
N ASP C 186 -47.77 4.70 -34.75
CA ASP C 186 -47.45 6.11 -34.93
C ASP C 186 -46.68 6.36 -36.23
N TYR C 187 -45.90 5.38 -36.69
CA TYR C 187 -45.15 5.55 -37.92
C TYR C 187 -46.04 5.64 -39.14
N GLU C 188 -47.16 4.91 -39.15
CA GLU C 188 -48.06 4.91 -40.30
C GLU C 188 -49.05 6.06 -40.28
N LYS C 189 -49.05 6.89 -39.23
CA LYS C 189 -49.97 8.01 -39.14
C LYS C 189 -49.42 9.28 -39.77
N HIS C 190 -48.16 9.30 -40.16
CA HIS C 190 -47.53 10.47 -40.76
C HIS C 190 -47.14 10.19 -42.20
N LYS C 191 -47.12 11.25 -43.02
CA LYS C 191 -46.96 11.12 -44.46
C LYS C 191 -45.52 11.37 -44.91
N VAL C 192 -44.86 12.38 -44.36
CA VAL C 192 -43.54 12.79 -44.80
C VAL C 192 -42.63 12.93 -43.59
N TYR C 193 -41.45 12.33 -43.66
CA TYR C 193 -40.43 12.43 -42.64
C TYR C 193 -39.23 13.20 -43.19
N ALA C 194 -38.85 14.28 -42.51
CA ALA C 194 -37.79 15.15 -42.96
C ALA C 194 -36.73 15.30 -41.87
N CYS C 195 -35.47 15.28 -42.27
CA CYS C 195 -34.35 15.46 -41.35
C CYS C 195 -33.70 16.81 -41.60
N GLU C 196 -33.63 17.64 -40.57
CA GLU C 196 -33.08 18.99 -40.65
C GLU C 196 -31.76 19.05 -39.90
N VAL C 197 -30.73 19.58 -40.55
CA VAL C 197 -29.40 19.67 -39.97
C VAL C 197 -28.84 21.06 -40.24
N THR C 198 -28.26 21.67 -39.21
CA THR C 198 -27.57 22.96 -39.34
C THR C 198 -26.10 22.76 -39.00
N HIS C 199 -25.23 23.23 -39.88
CA HIS C 199 -23.79 23.08 -39.70
C HIS C 199 -23.10 24.38 -40.09
N GLN C 200 -21.87 24.54 -39.58
CA GLN C 200 -21.10 25.74 -39.87
C GLN C 200 -20.78 25.84 -41.37
N GLY C 201 -20.49 24.71 -42.01
CA GLY C 201 -20.11 24.71 -43.41
C GLY C 201 -21.24 25.03 -44.38
N LEU C 202 -22.48 24.81 -43.98
CA LEU C 202 -23.63 25.09 -44.84
C LEU C 202 -24.07 26.54 -44.68
N SER C 203 -24.12 27.28 -45.79
CA SER C 203 -24.64 28.64 -45.76
C SER C 203 -26.10 28.69 -45.37
N SER C 204 -26.91 27.73 -45.83
CA SER C 204 -28.31 27.64 -45.48
C SER C 204 -28.59 26.21 -45.04
N PRO C 205 -29.53 26.00 -44.12
CA PRO C 205 -29.85 24.63 -43.70
C PRO C 205 -30.42 23.82 -44.84
N VAL C 206 -30.10 22.54 -44.85
CA VAL C 206 -30.58 21.60 -45.86
C VAL C 206 -31.49 20.58 -45.20
N THR C 207 -32.46 20.07 -45.94
CA THR C 207 -33.43 19.11 -45.42
C THR C 207 -33.65 18.02 -46.45
N LYS C 208 -33.61 16.77 -46.00
CA LYS C 208 -33.87 15.60 -46.84
C LYS C 208 -35.12 14.91 -46.33
N SER C 209 -36.07 14.65 -47.24
CA SER C 209 -37.33 14.03 -46.88
C SER C 209 -37.69 12.97 -47.91
N PHE C 210 -38.44 11.96 -47.46
CA PHE C 210 -38.92 10.88 -48.31
C PHE C 210 -40.39 10.63 -48.03
N ASN C 211 -41.11 10.24 -49.07
CA ASN C 211 -42.54 9.98 -48.98
C ASN C 211 -42.78 8.55 -48.52
N ARG C 212 -43.64 8.38 -47.52
CA ARG C 212 -43.96 7.06 -47.00
C ARG C 212 -44.87 6.30 -47.96
N GLN D 1 6.28 7.96 12.31
CA GLN D 1 5.01 8.69 12.22
C GLN D 1 4.83 9.59 13.42
N ARG D 2 4.52 8.99 14.57
CA ARG D 2 4.35 9.73 15.82
C ARG D 2 5.65 9.90 16.59
N GLN D 3 6.68 9.11 16.27
CA GLN D 3 7.96 9.23 16.97
C GLN D 3 8.85 10.28 16.32
N LEU D 4 8.83 10.35 15.00
CA LEU D 4 9.63 11.31 14.26
C LEU D 4 8.72 12.23 13.45
N VAL D 5 9.00 13.54 13.52
CA VAL D 5 8.23 14.54 12.81
C VAL D 5 9.19 15.31 11.91
N GLU D 6 8.86 15.45 10.64
CA GLU D 6 9.67 16.16 9.67
C GLU D 6 9.07 17.53 9.40
N SER D 7 9.95 18.50 9.15
CA SER D 7 9.52 19.86 8.88
C SER D 7 10.61 20.57 8.09
N GLY D 8 10.24 21.68 7.44
CA GLY D 8 11.16 22.50 6.68
C GLY D 8 10.93 22.42 5.17
N GLY D 9 10.21 21.40 4.72
CA GLY D 9 9.95 21.25 3.30
C GLY D 9 9.16 22.40 2.71
N GLY D 10 9.48 22.77 1.47
CA GLY D 10 8.80 23.86 0.83
C GLY D 10 9.17 23.94 -0.64
N LEU D 11 8.68 24.99 -1.29
CA LEU D 11 8.94 25.23 -2.71
C LEU D 11 10.13 26.16 -2.81
N VAL D 12 11.18 25.69 -3.50
CA VAL D 12 12.39 26.48 -3.67
C VAL D 12 12.74 26.52 -5.16
N GLN D 13 13.48 27.55 -5.54
CA GLN D 13 13.89 27.70 -6.92
C GLN D 13 15.20 26.97 -7.18
N PRO D 14 15.44 26.54 -8.41
CA PRO D 14 16.71 25.85 -8.72
C PRO D 14 17.90 26.76 -8.48
N GLY D 15 18.79 26.31 -7.59
CA GLY D 15 19.93 27.10 -7.17
C GLY D 15 19.86 27.58 -5.74
N GLY D 16 18.70 27.43 -5.08
CA GLY D 16 18.55 27.82 -3.69
C GLY D 16 18.83 26.67 -2.74
N SER D 17 18.57 26.93 -1.46
CA SER D 17 18.85 25.95 -0.42
C SER D 17 17.76 25.98 0.63
N LEU D 18 17.61 24.86 1.33
CA LEU D 18 16.68 24.76 2.45
C LEU D 18 17.17 23.66 3.38
N ARG D 19 16.67 23.69 4.61
CA ARG D 19 17.09 22.75 5.64
C ARG D 19 15.87 22.11 6.28
N LEU D 20 15.90 20.79 6.40
CA LEU D 20 14.81 20.04 7.02
C LEU D 20 15.14 19.74 8.48
N SER D 21 14.22 19.06 9.16
CA SER D 21 14.38 18.74 10.57
C SER D 21 13.73 17.40 10.86
N CYS D 22 14.22 16.73 11.90
CA CYS D 22 13.73 15.42 12.30
C CYS D 22 13.52 15.33 13.80
N ALA D 23 12.81 16.30 14.38
CA ALA D 23 12.65 16.35 15.83
C ALA D 23 12.03 15.06 16.35
N ALA D 24 12.63 14.52 17.41
CA ALA D 24 12.12 13.32 18.05
C ALA D 24 10.93 13.65 18.95
N SER D 25 10.00 12.71 19.04
CA SER D 25 8.79 12.95 19.83
C SER D 25 9.13 13.25 21.28
N ARG D 26 9.65 12.25 22.01
CA ARG D 26 10.23 12.50 23.32
C ARG D 26 11.36 11.52 23.59
N PHE D 27 12.57 11.86 23.16
CA PHE D 27 13.77 11.07 23.41
C PHE D 27 14.95 11.78 22.75
N THR D 28 16.14 11.26 22.98
CA THR D 28 17.37 11.80 22.44
C THR D 28 17.92 10.89 21.35
N PHE D 29 18.56 11.50 20.36
CA PHE D 29 19.21 10.77 19.28
C PHE D 29 20.62 10.33 19.67
N ASP D 30 20.78 9.68 20.82
CA ASP D 30 22.09 9.28 21.27
C ASP D 30 22.44 7.87 20.79
N ASP D 31 21.61 6.90 21.14
CA ASP D 31 21.79 5.52 20.68
C ASP D 31 20.94 5.27 19.43
N TYR D 32 21.15 6.11 18.42
CA TYR D 32 20.38 6.02 17.19
C TYR D 32 21.28 6.35 16.01
N THR D 33 20.94 5.79 14.85
CA THR D 33 21.60 6.11 13.59
C THR D 33 20.56 6.76 12.69
N ILE D 34 20.59 8.09 12.63
CA ILE D 34 19.62 8.81 11.84
C ILE D 34 19.95 8.68 10.36
N GLY D 35 18.92 8.80 9.51
CA GLY D 35 19.11 8.72 8.09
C GLY D 35 17.98 9.37 7.32
N TRP D 36 18.32 10.21 6.34
CA TRP D 36 17.33 10.90 5.52
C TRP D 36 17.13 10.10 4.24
N PHE D 37 15.88 9.88 3.87
CA PHE D 37 15.52 9.19 2.63
C PHE D 37 14.66 10.11 1.78
N ARG D 38 14.46 9.70 0.53
CA ARG D 38 13.62 10.47 -0.39
C ARG D 38 13.01 9.54 -1.41
N GLN D 39 11.78 9.85 -1.83
CA GLN D 39 11.04 9.01 -2.76
C GLN D 39 10.23 9.94 -3.67
N ALA D 40 10.54 9.93 -4.96
CA ALA D 40 9.87 10.72 -5.96
C ALA D 40 8.91 9.85 -6.76
N PRO D 41 7.85 10.43 -7.32
CA PRO D 41 6.91 9.62 -8.12
C PRO D 41 7.59 9.00 -9.32
N GLY D 42 7.55 7.68 -9.41
CA GLY D 42 8.23 6.92 -10.46
C GLY D 42 9.42 6.12 -9.98
N LYS D 43 10.11 6.58 -8.95
CA LYS D 43 11.25 5.89 -8.39
C LYS D 43 10.92 5.42 -6.97
N GLU D 44 11.79 4.57 -6.43
CA GLU D 44 11.58 4.04 -5.10
C GLU D 44 12.43 4.79 -4.08
N ARG D 45 12.14 4.55 -2.80
CA ARG D 45 12.80 5.27 -1.72
C ARG D 45 14.28 4.96 -1.70
N GLU D 46 15.10 6.01 -1.62
CA GLU D 46 16.55 5.89 -1.60
C GLU D 46 17.12 6.76 -0.49
N GLY D 47 18.25 6.32 0.08
CA GLY D 47 18.90 7.11 1.10
C GLY D 47 19.76 8.22 0.50
N VAL D 48 19.83 9.34 1.22
CA VAL D 48 20.60 10.49 0.79
C VAL D 48 21.64 10.90 1.83
N SER D 49 21.42 10.56 3.09
CA SER D 49 22.36 10.94 4.15
C SER D 49 22.04 10.14 5.40
N TYR D 50 23.06 9.50 5.97
CA TYR D 50 22.94 8.80 7.24
C TYR D 50 23.88 9.44 8.26
N MET D 51 23.85 8.93 9.49
CA MET D 51 24.67 9.45 10.57
C MET D 51 24.67 8.43 11.70
N SER D 52 25.86 8.19 12.27
CA SER D 52 25.96 7.19 13.33
C SER D 52 25.57 7.76 14.69
N SER D 53 25.89 9.03 14.94
CA SER D 53 25.50 9.72 16.17
C SER D 53 26.12 9.08 17.41
N ARG D 54 27.13 8.24 17.19
CA ARG D 54 27.88 7.64 18.29
C ARG D 54 29.36 7.84 18.05
N ASP D 55 29.77 7.86 16.79
CA ASP D 55 31.15 8.09 16.41
C ASP D 55 31.30 9.11 15.29
N GLY D 56 30.20 9.64 14.76
CA GLY D 56 30.26 10.65 13.72
C GLY D 56 30.34 10.12 12.31
N SER D 57 30.15 8.82 12.11
CA SER D 57 30.18 8.26 10.76
C SER D 57 29.03 8.82 9.93
N THR D 58 29.35 9.23 8.71
CA THR D 58 28.37 9.81 7.81
C THR D 58 28.43 9.12 6.45
N TYR D 59 27.26 8.88 5.87
CA TYR D 59 27.14 8.34 4.52
C TYR D 59 26.48 9.38 3.65
N TYR D 60 27.01 9.59 2.45
CA TYR D 60 26.43 10.51 1.48
C TYR D 60 26.27 9.80 0.15
N ALA D 61 25.07 9.90 -0.41
CA ALA D 61 24.82 9.36 -1.74
C ALA D 61 25.62 10.12 -2.78
N ASP D 62 25.97 9.43 -3.86
CA ASP D 62 26.79 10.02 -4.91
C ASP D 62 26.08 11.13 -5.67
N SER D 63 24.76 11.27 -5.49
CA SER D 63 24.00 12.33 -6.14
C SER D 63 23.84 13.58 -5.27
N VAL D 64 24.26 13.52 -4.00
CA VAL D 64 24.08 14.65 -3.09
C VAL D 64 25.40 14.96 -2.42
N LYS D 65 26.47 14.25 -2.79
CA LYS D 65 27.77 14.46 -2.19
C LYS D 65 28.30 15.84 -2.55
N GLY D 66 28.65 16.62 -1.52
CA GLY D 66 29.12 17.96 -1.69
C GLY D 66 28.04 19.03 -1.60
N ARG D 67 26.77 18.63 -1.67
CA ARG D 67 25.65 19.55 -1.60
C ARG D 67 24.88 19.41 -0.29
N PHE D 68 24.50 18.19 0.08
CA PHE D 68 23.72 17.97 1.29
C PHE D 68 24.65 17.74 2.47
N ILE D 69 24.33 18.36 3.60
CA ILE D 69 25.09 18.21 4.84
C ILE D 69 24.10 17.85 5.93
N ILE D 70 24.31 16.69 6.57
CA ILE D 70 23.48 16.28 7.70
C ILE D 70 24.21 16.63 8.98
N SER D 71 23.46 17.06 9.99
CA SER D 71 24.03 17.46 11.27
C SER D 71 23.09 17.04 12.40
N ARG D 72 23.44 17.44 13.61
CA ARG D 72 22.65 17.08 14.79
C ARG D 72 22.66 18.26 15.75
N ASP D 73 21.61 18.35 16.56
CA ASP D 73 21.47 19.38 17.58
C ASP D 73 21.19 18.67 18.91
N ASN D 74 22.25 18.46 19.70
CA ASN D 74 22.11 17.75 20.96
C ASN D 74 21.21 18.45 21.95
N VAL D 75 21.09 19.78 21.86
CA VAL D 75 20.33 20.55 22.83
C VAL D 75 18.87 20.74 22.42
N LYS D 76 18.46 20.21 21.26
CA LYS D 76 17.10 20.37 20.81
C LYS D 76 16.44 19.07 20.34
N ASN D 77 17.16 17.95 20.33
CA ASN D 77 16.63 16.64 19.94
C ASN D 77 16.16 16.63 18.49
N THR D 78 16.90 17.33 17.62
CA THR D 78 16.58 17.40 16.21
C THR D 78 17.80 17.02 15.39
N VAL D 79 17.55 16.55 14.16
CA VAL D 79 18.58 16.27 13.17
C VAL D 79 18.25 17.05 11.91
N TYR D 80 19.20 17.82 11.42
CA TYR D 80 19.01 18.67 10.26
C TYR D 80 19.61 18.04 9.01
N LEU D 81 19.20 18.56 7.85
CA LEU D 81 19.75 18.17 6.56
C LEU D 81 19.81 19.44 5.70
N GLN D 82 20.98 20.07 5.68
CA GLN D 82 21.15 21.26 4.87
C GLN D 82 21.36 20.87 3.41
N MET D 83 20.47 21.33 2.54
CA MET D 83 20.45 20.94 1.13
C MET D 83 20.76 22.17 0.30
N ASN D 84 22.01 22.29 -0.16
CA ASN D 84 22.46 23.43 -0.95
C ASN D 84 22.45 23.09 -2.43
N SER D 85 22.32 24.12 -3.26
CA SER D 85 22.40 24.01 -4.72
C SER D 85 21.43 22.95 -5.25
N LEU D 86 20.15 23.16 -4.98
CA LEU D 86 19.13 22.22 -5.38
C LEU D 86 18.90 22.27 -6.88
N GLU D 87 18.60 21.12 -7.47
CA GLU D 87 18.40 20.96 -8.90
C GLU D 87 16.98 20.46 -9.16
N PRO D 88 16.45 20.65 -10.38
CA PRO D 88 15.05 20.24 -10.62
C PRO D 88 14.78 18.77 -10.33
N GLU D 89 15.77 17.89 -10.50
CA GLU D 89 15.59 16.47 -10.25
C GLU D 89 15.68 16.12 -8.77
N ASP D 90 15.80 17.13 -7.90
CA ASP D 90 15.86 16.91 -6.47
C ASP D 90 14.50 16.93 -5.79
N THR D 91 13.42 17.18 -6.53
CA THR D 91 12.09 17.26 -5.95
C THR D 91 11.59 15.87 -5.58
N ALA D 92 11.18 15.70 -4.32
CA ALA D 92 10.67 14.44 -3.82
C ALA D 92 10.08 14.68 -2.45
N VAL D 93 9.68 13.60 -1.78
CA VAL D 93 9.25 13.64 -0.40
C VAL D 93 10.36 13.06 0.45
N TYR D 94 10.87 13.85 1.40
CA TYR D 94 12.02 13.45 2.20
C TYR D 94 11.55 12.90 3.54
N TYR D 95 11.89 11.65 3.81
CA TYR D 95 11.57 10.98 5.07
C TYR D 95 12.82 10.95 5.95
N CYS D 96 12.65 10.44 7.17
CA CYS D 96 13.72 10.39 8.14
C CYS D 96 13.53 9.17 9.03
N ALA D 97 14.55 8.32 9.08
CA ALA D 97 14.51 7.10 9.87
C ALA D 97 15.44 7.22 11.08
N ALA D 98 15.22 6.32 12.05
CA ALA D 98 16.04 6.29 13.26
C ALA D 98 16.02 4.85 13.78
N ALA D 99 17.16 4.19 13.70
CA ALA D 99 17.29 2.81 14.14
C ALA D 99 18.03 2.76 15.47
N TYR D 100 17.47 2.03 16.44
CA TYR D 100 18.05 1.92 17.77
C TYR D 100 19.30 1.07 17.71
N ARG D 101 20.46 1.71 17.76
CA ARG D 101 21.76 1.03 17.73
C ARG D 101 22.59 1.52 18.91
N PRO D 102 22.40 0.96 20.10
CA PRO D 102 23.21 1.37 21.25
C PRO D 102 24.68 1.07 21.10
N TRP D 103 25.05 0.11 20.24
CA TRP D 103 26.44 -0.28 20.04
C TRP D 103 27.03 0.24 18.75
N GLY D 104 26.33 1.15 18.07
CA GLY D 104 26.82 1.69 16.82
C GLY D 104 26.54 0.77 15.65
N LEU D 105 27.14 1.13 14.51
CA LEU D 105 26.98 0.36 13.29
C LEU D 105 27.60 -1.03 13.46
N ILE D 106 27.06 -2.01 12.74
CA ILE D 106 27.56 -3.38 12.84
C ILE D 106 28.81 -3.47 11.98
N GLY D 107 29.96 -3.20 12.58
CA GLY D 107 31.23 -3.18 11.88
C GLY D 107 31.48 -1.89 11.14
N GLY D 108 30.90 -1.74 9.96
CA GLY D 108 31.01 -0.49 9.22
C GLY D 108 29.78 -0.13 8.42
N ASN D 109 28.74 -0.94 8.49
CA ASN D 109 27.60 -0.80 7.59
C ASN D 109 26.46 -0.07 8.27
N PHE D 110 25.69 0.67 7.47
CA PHE D 110 24.56 1.45 7.95
C PHE D 110 23.29 0.61 7.78
N ASP D 111 22.77 0.11 8.90
CA ASP D 111 21.56 -0.70 8.90
C ASP D 111 20.38 0.14 9.39
N PHE D 112 19.19 -0.15 8.85
CA PHE D 112 17.99 0.60 9.17
C PHE D 112 16.81 -0.33 9.39
N SER D 113 17.07 -1.58 9.76
CA SER D 113 16.00 -2.53 10.00
C SER D 113 15.30 -2.22 11.32
N GLY D 114 13.97 -2.33 11.31
CA GLY D 114 13.18 -2.03 12.49
C GLY D 114 13.36 -0.62 12.99
N ALA D 115 13.33 0.35 12.08
CA ALA D 115 13.59 1.74 12.40
C ALA D 115 12.30 2.55 12.38
N TYR D 116 12.25 3.56 13.24
CA TYR D 116 11.14 4.50 13.24
C TYR D 116 11.16 5.30 11.95
N TRP D 117 9.99 5.46 11.34
CA TRP D 117 9.87 6.18 10.08
C TRP D 117 8.90 7.35 10.24
N GLY D 118 9.30 8.51 9.72
CA GLY D 118 8.42 9.66 9.70
C GLY D 118 7.47 9.62 8.52
N LYS D 119 6.50 10.54 8.54
CA LYS D 119 5.54 10.64 7.45
C LYS D 119 6.11 11.34 6.23
N GLY D 120 7.21 12.06 6.37
CA GLY D 120 7.87 12.70 5.26
C GLY D 120 7.36 14.11 5.01
N THR D 121 8.28 14.94 4.49
CA THR D 121 7.94 16.30 4.13
C THR D 121 8.30 16.56 2.67
N PRO D 122 7.33 16.90 1.82
CA PRO D 122 7.62 17.10 0.41
C PRO D 122 8.49 18.32 0.17
N VAL D 123 9.34 18.23 -0.87
CA VAL D 123 10.19 19.34 -1.29
C VAL D 123 10.06 19.51 -2.79
N THR D 124 9.52 20.65 -3.23
CA THR D 124 9.36 20.90 -4.65
C THR D 124 10.40 21.91 -5.12
N VAL D 125 11.30 21.48 -6.00
CA VAL D 125 12.35 22.34 -6.52
C VAL D 125 12.04 22.67 -7.98
N SER D 126 11.45 23.84 -8.21
CA SER D 126 11.06 24.27 -9.55
C SER D 126 11.10 25.79 -9.65
N SER D 127 11.10 26.26 -10.89
CA SER D 127 11.10 27.69 -11.17
C SER D 127 9.74 28.31 -10.87
#